data_4J36
#
_entry.id   4J36
#
_cell.length_a   72.970
_cell.length_b   89.810
_cell.length_c   82.800
_cell.angle_alpha   90.000
_cell.angle_beta   110.600
_cell.angle_gamma   90.000
#
_symmetry.space_group_name_H-M   'P 1 21 1'
#
loop_
_entity.id
_entity.type
_entity.pdbx_description
1 polymer 'Kynurenine 3-monooxygenase'
2 non-polymer 'FLAVIN-ADENINE DINUCLEOTIDE'
3 non-polymer '(1S,2S)-2-(3,4-dichlorobenzoyl)cyclopropanecarboxylic acid'
4 water water
#
_entity_poly.entity_id   1
_entity_poly.type   'polypeptide(L)'
_entity_poly.pdbx_seq_one_letter_code
;MGSSHHHHHHSSGLVPRGSHMMSESVAIIGAGLVGCLAALAFSKEGYNVTLYDFRQDPRLDTTKNKNLKSINLAISARGI
DALKSIDPDACEHILQDMIPMKGRMIHDLKGRQESQLYGLHGEAINSINRSVLNNSLLDELEKSTTELKFGHKLVKIEWT
DDKQICHFAIGEDLKTPHTEKYDFVIGCDGAYSATRSQMQRKVEMDFSQEYMNLRYIELYIPPTEEFKPNYGGNFAIAPD
HLHIWPRHKFMLIALANSDGSFTSTFFGSKDQISDLITSKSRVREFLIENFPDIINIMDLDDAVKRFITYPKESLVCVNC
KPYDVPGGKAILLGDAAHAMVPFYGQGMNCGFEDVRILMALLKKHSGDRSRAFTEYTQTRHKDLVSITELAKRNYKEMSH
DVTSKRFLLRKKLDA
;
_entity_poly.pdbx_strand_id   A,B
#
# COMPACT_ATOMS: atom_id res chain seq x y z
N GLU A 24 -15.45 -4.32 -29.40
CA GLU A 24 -14.46 -3.95 -28.38
C GLU A 24 -13.86 -5.17 -27.69
N SER A 25 -12.54 -5.20 -27.59
CA SER A 25 -11.86 -6.30 -26.93
C SER A 25 -11.47 -5.94 -25.50
N VAL A 26 -11.56 -6.92 -24.61
CA VAL A 26 -11.15 -6.74 -23.22
C VAL A 26 -10.32 -7.92 -22.74
N ALA A 27 -9.23 -7.63 -22.04
CA ALA A 27 -8.46 -8.66 -21.37
C ALA A 27 -8.88 -8.68 -19.92
N ILE A 28 -9.31 -9.84 -19.44
CA ILE A 28 -9.67 -10.00 -18.04
C ILE A 28 -8.59 -10.83 -17.34
N ILE A 29 -7.97 -10.25 -16.31
CA ILE A 29 -6.86 -10.91 -15.63
C ILE A 29 -7.33 -11.61 -14.36
N GLY A 30 -7.33 -12.94 -14.39
CA GLY A 30 -7.74 -13.72 -13.24
C GLY A 30 -9.03 -14.47 -13.49
N ALA A 31 -8.97 -15.80 -13.43
CA ALA A 31 -10.14 -16.64 -13.67
C ALA A 31 -10.67 -17.24 -12.38
N GLY A 32 -10.67 -16.46 -11.31
CA GLY A 32 -11.31 -16.86 -10.07
C GLY A 32 -12.81 -16.73 -10.22
N LEU A 33 -13.52 -16.67 -9.09
CA LEU A 33 -14.97 -16.53 -9.12
C LEU A 33 -15.39 -15.20 -9.75
N VAL A 34 -14.75 -14.11 -9.34
CA VAL A 34 -15.11 -12.80 -9.85
C VAL A 34 -14.72 -12.63 -11.32
N GLY A 35 -13.53 -13.07 -11.69
CA GLY A 35 -13.08 -12.99 -13.07
C GLY A 35 -13.95 -13.77 -14.04
N CYS A 36 -14.41 -14.94 -13.61
CA CYS A 36 -15.26 -15.77 -14.45
C CYS A 36 -16.63 -15.14 -14.65
N LEU A 37 -17.18 -14.58 -13.58
CA LEU A 37 -18.46 -13.89 -13.66
C LEU A 37 -18.36 -12.65 -14.55
N ALA A 38 -17.30 -11.87 -14.38
CA ALA A 38 -17.09 -10.69 -15.20
C ALA A 38 -16.95 -11.06 -16.68
N ALA A 39 -16.28 -12.17 -16.95
CA ALA A 39 -16.10 -12.65 -18.31
C ALA A 39 -17.44 -13.08 -18.92
N LEU A 40 -18.27 -13.70 -18.11
CA LEU A 40 -19.61 -14.10 -18.54
C LEU A 40 -20.45 -12.87 -18.84
N ALA A 41 -20.42 -11.90 -17.93
CA ALA A 41 -21.17 -10.65 -18.09
C ALA A 41 -20.78 -9.90 -19.36
N PHE A 42 -19.48 -9.70 -19.56
CA PHE A 42 -19.01 -8.95 -20.72
C PHE A 42 -19.17 -9.67 -22.06
N SER A 43 -19.05 -11.00 -22.05
CA SER A 43 -19.26 -11.76 -23.28
C SER A 43 -20.74 -11.76 -23.67
N LYS A 44 -21.63 -11.75 -22.66
CA LYS A 44 -23.06 -11.66 -22.91
C LYS A 44 -23.45 -10.33 -23.58
N GLU A 45 -22.68 -9.28 -23.30
CA GLU A 45 -22.93 -7.97 -23.89
C GLU A 45 -22.20 -7.78 -25.23
N GLY A 46 -21.63 -8.85 -25.76
CA GLY A 46 -21.07 -8.81 -27.09
C GLY A 46 -19.62 -8.37 -27.21
N TYR A 47 -18.95 -8.17 -26.07
CA TYR A 47 -17.53 -7.85 -26.07
C TYR A 47 -16.69 -9.06 -26.50
N ASN A 48 -15.49 -8.79 -27.00
CA ASN A 48 -14.51 -9.84 -27.24
C ASN A 48 -13.65 -10.02 -26.00
N VAL A 49 -13.93 -11.07 -25.24
CA VAL A 49 -13.26 -11.30 -23.97
C VAL A 49 -12.14 -12.33 -24.09
N THR A 50 -10.97 -11.99 -23.57
CA THR A 50 -9.93 -12.99 -23.34
C THR A 50 -9.68 -13.11 -21.84
N LEU A 51 -9.77 -14.33 -21.33
CA LEU A 51 -9.64 -14.59 -19.89
C LEU A 51 -8.31 -15.23 -19.53
N TYR A 52 -7.47 -14.50 -18.81
CA TYR A 52 -6.13 -14.95 -18.45
C TYR A 52 -6.04 -15.37 -16.98
N ASP A 53 -5.27 -16.42 -16.73
CA ASP A 53 -4.90 -16.82 -15.36
C ASP A 53 -3.58 -17.57 -15.47
N PHE A 54 -2.69 -17.41 -14.49
CA PHE A 54 -1.40 -18.10 -14.54
C PHE A 54 -1.51 -19.56 -14.10
N ARG A 55 -2.57 -19.88 -13.38
CA ARG A 55 -2.84 -21.27 -12.98
C ARG A 55 -3.25 -22.08 -14.19
N GLN A 56 -3.14 -23.40 -14.10
CA GLN A 56 -3.67 -24.26 -15.15
C GLN A 56 -5.17 -24.50 -14.90
N ASP A 57 -5.87 -24.96 -15.93
CA ASP A 57 -7.32 -25.19 -15.86
C ASP A 57 -7.66 -26.18 -14.75
N PRO A 58 -8.44 -25.73 -13.75
CA PRO A 58 -8.75 -26.59 -12.60
C PRO A 58 -9.68 -27.76 -12.97
N ARG A 59 -10.32 -27.69 -14.13
CA ARG A 59 -11.19 -28.77 -14.58
C ARG A 59 -10.40 -29.99 -15.04
N LEU A 60 -9.13 -29.80 -15.36
CA LEU A 60 -8.30 -30.90 -15.83
C LEU A 60 -7.73 -31.73 -14.67
N ASP A 61 -7.78 -33.05 -14.81
CA ASP A 61 -7.26 -33.94 -13.79
C ASP A 61 -5.74 -33.83 -13.65
N THR A 62 -5.09 -33.33 -14.68
CA THR A 62 -3.64 -33.11 -14.63
C THR A 62 -3.27 -31.90 -13.77
N THR A 63 -4.25 -31.07 -13.47
CA THR A 63 -4.03 -29.93 -12.58
C THR A 63 -4.19 -30.37 -11.12
N LYS A 64 -3.08 -30.45 -10.41
CA LYS A 64 -3.08 -30.95 -9.03
C LYS A 64 -3.40 -29.86 -8.01
N ASN A 65 -2.90 -28.66 -8.24
CA ASN A 65 -3.23 -27.52 -7.40
C ASN A 65 -4.48 -26.81 -7.91
N LYS A 66 -5.58 -26.94 -7.17
CA LYS A 66 -6.85 -26.35 -7.57
C LYS A 66 -6.98 -24.88 -7.13
N ASN A 67 -6.09 -24.46 -6.23
CA ASN A 67 -6.15 -23.11 -5.64
C ASN A 67 -7.52 -22.82 -5.02
N LEU A 68 -8.03 -23.79 -4.27
CA LEU A 68 -9.28 -23.60 -3.56
C LEU A 68 -8.98 -23.15 -2.13
N LYS A 69 -9.35 -21.92 -1.81
CA LYS A 69 -9.12 -21.39 -0.46
C LYS A 69 -10.07 -22.02 0.56
N SER A 70 -11.23 -22.47 0.08
CA SER A 70 -12.18 -23.21 0.91
C SER A 70 -13.00 -24.13 0.01
N ILE A 71 -13.47 -25.25 0.57
CA ILE A 71 -14.25 -26.21 -0.21
C ILE A 71 -15.62 -25.65 -0.61
N ASN A 72 -16.30 -25.00 0.32
CA ASN A 72 -17.58 -24.37 0.01
C ASN A 72 -17.65 -22.91 0.47
N LEU A 73 -18.70 -22.21 0.08
CA LEU A 73 -18.88 -20.83 0.50
C LEU A 73 -20.29 -20.56 0.98
N ALA A 74 -20.44 -19.48 1.73
CA ALA A 74 -21.76 -18.98 2.08
C ALA A 74 -22.16 -17.93 1.07
N ILE A 75 -23.18 -18.22 0.26
CA ILE A 75 -23.68 -17.24 -0.68
C ILE A 75 -24.96 -16.61 -0.15
N SER A 76 -25.09 -15.29 -0.32
CA SER A 76 -26.21 -14.55 0.23
C SER A 76 -27.22 -14.20 -0.85
N ALA A 77 -28.30 -13.55 -0.44
CA ALA A 77 -29.33 -13.10 -1.37
C ALA A 77 -28.74 -12.16 -2.42
N ARG A 78 -27.88 -11.24 -1.99
CA ARG A 78 -27.17 -10.35 -2.90
C ARG A 78 -26.33 -11.12 -3.93
N GLY A 79 -25.58 -12.11 -3.45
CA GLY A 79 -24.73 -12.91 -4.32
C GLY A 79 -25.51 -13.68 -5.36
N ILE A 80 -26.59 -14.31 -4.93
CA ILE A 80 -27.47 -15.04 -5.85
C ILE A 80 -28.09 -14.08 -6.85
N ASP A 81 -28.61 -12.97 -6.37
CA ASP A 81 -29.21 -11.95 -7.22
C ASP A 81 -28.24 -11.43 -8.28
N ALA A 82 -26.97 -11.26 -7.91
CA ALA A 82 -25.97 -10.81 -8.86
C ALA A 82 -25.81 -11.82 -10.00
N LEU A 83 -25.77 -13.10 -9.64
CA LEU A 83 -25.65 -14.18 -10.61
C LEU A 83 -26.86 -14.21 -11.54
N LYS A 84 -28.05 -14.06 -10.95
CA LYS A 84 -29.31 -14.07 -11.70
C LYS A 84 -29.37 -12.98 -12.77
N SER A 85 -29.06 -11.74 -12.39
CA SER A 85 -29.19 -10.60 -13.30
C SER A 85 -28.25 -10.69 -14.51
N ILE A 86 -27.23 -11.53 -14.41
CA ILE A 86 -26.27 -11.69 -15.48
C ILE A 86 -26.66 -12.83 -16.42
N ASP A 87 -27.16 -13.92 -15.85
CA ASP A 87 -27.59 -15.06 -16.63
C ASP A 87 -28.52 -15.95 -15.80
N PRO A 88 -29.83 -15.66 -15.84
CA PRO A 88 -30.82 -16.37 -15.02
C PRO A 88 -30.88 -17.88 -15.28
N ASP A 89 -30.79 -18.29 -16.55
CA ASP A 89 -30.80 -19.71 -16.87
C ASP A 89 -29.57 -20.44 -16.32
N ALA A 90 -28.40 -19.80 -16.47
CA ALA A 90 -27.16 -20.39 -15.98
C ALA A 90 -27.15 -20.45 -14.45
N CYS A 91 -27.62 -19.38 -13.83
CA CYS A 91 -27.72 -19.31 -12.36
C CYS A 91 -28.54 -20.48 -11.81
N GLU A 92 -29.67 -20.75 -12.43
CA GLU A 92 -30.56 -21.82 -11.98
C GLU A 92 -29.84 -23.17 -12.07
N HIS A 93 -29.13 -23.36 -13.16
CA HIS A 93 -28.35 -24.58 -13.39
C HIS A 93 -27.18 -24.69 -12.40
N ILE A 94 -26.43 -23.62 -12.26
CA ILE A 94 -25.24 -23.61 -11.41
C ILE A 94 -25.54 -23.79 -9.92
N LEU A 95 -26.64 -23.19 -9.44
CA LEU A 95 -26.94 -23.21 -8.01
C LEU A 95 -27.89 -24.34 -7.57
N GLN A 96 -28.22 -25.25 -8.47
CA GLN A 96 -29.27 -26.23 -8.17
C GLN A 96 -28.98 -27.15 -6.99
N ASP A 97 -27.70 -27.32 -6.66
CA ASP A 97 -27.31 -28.15 -5.51
C ASP A 97 -26.89 -27.35 -4.28
N MET A 98 -27.10 -26.05 -4.30
CA MET A 98 -26.86 -25.23 -3.13
C MET A 98 -27.75 -25.71 -1.98
N ILE A 99 -27.25 -25.60 -0.75
CA ILE A 99 -28.00 -26.02 0.42
C ILE A 99 -28.39 -24.80 1.25
N PRO A 100 -29.69 -24.50 1.33
CA PRO A 100 -30.20 -23.36 2.10
C PRO A 100 -30.14 -23.58 3.60
N MET A 101 -29.57 -22.62 4.34
CA MET A 101 -29.53 -22.68 5.80
C MET A 101 -30.69 -21.88 6.40
N LYS A 102 -31.34 -22.45 7.42
CA LYS A 102 -32.44 -21.76 8.07
C LYS A 102 -32.00 -21.06 9.36
N GLY A 103 -30.79 -21.35 9.82
CA GLY A 103 -30.27 -20.71 11.02
C GLY A 103 -28.86 -21.09 11.39
N ARG A 104 -28.42 -20.61 12.55
CA ARG A 104 -27.14 -20.99 13.11
C ARG A 104 -27.37 -22.00 14.22
N MET A 105 -26.39 -22.87 14.44
CA MET A 105 -26.44 -23.83 15.53
C MET A 105 -25.23 -23.60 16.41
N ILE A 106 -25.46 -23.05 17.59
CA ILE A 106 -24.38 -22.69 18.52
C ILE A 106 -24.05 -23.86 19.45
N HIS A 107 -22.81 -24.34 19.36
CA HIS A 107 -22.33 -25.40 20.25
C HIS A 107 -21.52 -24.80 21.39
N ASP A 108 -21.99 -24.97 22.63
CA ASP A 108 -21.25 -24.44 23.78
C ASP A 108 -20.10 -25.35 24.19
N LEU A 109 -19.46 -25.02 25.32
CA LEU A 109 -18.29 -25.74 25.80
C LEU A 109 -18.57 -27.19 26.18
N LYS A 110 -19.83 -27.50 26.50
CA LYS A 110 -20.21 -28.84 26.90
C LYS A 110 -20.82 -29.65 25.76
N GLY A 111 -20.81 -29.07 24.57
CA GLY A 111 -21.32 -29.75 23.39
C GLY A 111 -22.81 -29.61 23.17
N ARG A 112 -23.46 -28.75 23.97
CA ARG A 112 -24.90 -28.51 23.80
C ARG A 112 -25.17 -27.63 22.59
N GLN A 113 -26.17 -28.00 21.79
CA GLN A 113 -26.52 -27.24 20.59
C GLN A 113 -27.80 -26.44 20.76
N GLU A 114 -27.73 -25.15 20.45
CA GLU A 114 -28.92 -24.31 20.46
C GLU A 114 -29.20 -23.77 19.07
N SER A 115 -30.44 -23.93 18.61
CA SER A 115 -30.83 -23.54 17.27
C SER A 115 -31.40 -22.12 17.21
N GLN A 116 -30.71 -21.24 16.49
CA GLN A 116 -31.16 -19.87 16.31
C GLN A 116 -31.52 -19.61 14.85
N LEU A 117 -32.80 -19.76 14.51
CA LEU A 117 -33.27 -19.58 13.15
C LEU A 117 -33.08 -18.14 12.68
N TYR A 118 -32.76 -17.99 11.40
CA TYR A 118 -32.50 -16.67 10.81
C TYR A 118 -33.73 -15.77 10.83
N GLU A 123 -30.96 -12.31 6.24
CA GLU A 123 -29.62 -12.54 6.78
C GLU A 123 -29.21 -14.00 6.60
N ALA A 124 -30.09 -14.80 6.00
CA ALA A 124 -29.79 -16.20 5.75
C ALA A 124 -28.71 -16.32 4.68
N ILE A 125 -28.05 -17.47 4.67
CA ILE A 125 -27.05 -17.78 3.65
C ILE A 125 -27.25 -19.23 3.19
N ASN A 126 -26.75 -19.54 1.99
CA ASN A 126 -26.82 -20.90 1.46
C ASN A 126 -25.40 -21.41 1.21
N SER A 127 -25.22 -22.72 1.34
CA SER A 127 -23.93 -23.36 1.06
C SER A 127 -23.80 -23.69 -0.43
N ILE A 128 -22.74 -23.19 -1.06
CA ILE A 128 -22.44 -23.54 -2.44
C ILE A 128 -21.01 -24.07 -2.54
N ASN A 129 -20.79 -25.11 -3.33
CA ASN A 129 -19.47 -25.69 -3.48
C ASN A 129 -18.58 -24.77 -4.33
N ARG A 130 -17.36 -24.51 -3.86
CA ARG A 130 -16.48 -23.56 -4.55
C ARG A 130 -16.05 -24.04 -5.95
N SER A 131 -15.62 -25.29 -6.06
CA SER A 131 -15.12 -25.82 -7.33
C SER A 131 -16.24 -25.99 -8.36
N VAL A 132 -17.43 -26.36 -7.88
CA VAL A 132 -18.58 -26.46 -8.76
C VAL A 132 -18.93 -25.09 -9.31
N LEU A 133 -18.94 -24.09 -8.44
CA LEU A 133 -19.25 -22.73 -8.87
C LEU A 133 -18.22 -22.22 -9.90
N ASN A 134 -16.93 -22.35 -9.57
CA ASN A 134 -15.86 -21.90 -10.45
C ASN A 134 -15.83 -22.63 -11.79
N ASN A 135 -15.90 -23.96 -11.76
CA ASN A 135 -15.84 -24.78 -12.97
C ASN A 135 -17.08 -24.63 -13.86
N SER A 136 -18.24 -24.45 -13.24
CA SER A 136 -19.47 -24.28 -14.00
C SER A 136 -19.51 -22.95 -14.73
N LEU A 137 -18.91 -21.93 -14.11
CA LEU A 137 -18.80 -20.63 -14.78
C LEU A 137 -17.84 -20.71 -15.95
N LEU A 138 -16.74 -21.44 -15.79
CA LEU A 138 -15.80 -21.66 -16.89
C LEU A 138 -16.50 -22.39 -18.04
N ASP A 139 -17.34 -23.37 -17.68
CA ASP A 139 -18.12 -24.11 -18.67
C ASP A 139 -19.08 -23.22 -19.44
N GLU A 140 -19.71 -22.28 -18.75
CA GLU A 140 -20.63 -21.34 -19.40
C GLU A 140 -19.89 -20.46 -20.39
N LEU A 141 -18.67 -20.07 -20.05
CA LEU A 141 -17.84 -19.22 -20.91
C LEU A 141 -17.51 -19.90 -22.23
N GLU A 142 -17.34 -21.21 -22.20
CA GLU A 142 -16.94 -21.97 -23.39
C GLU A 142 -18.09 -22.15 -24.37
N LYS A 143 -19.29 -21.73 -23.96
CA LYS A 143 -20.43 -21.72 -24.87
C LYS A 143 -20.50 -20.37 -25.60
N SER A 144 -19.55 -19.49 -25.28
CA SER A 144 -19.50 -18.16 -25.88
C SER A 144 -18.21 -17.99 -26.69
N THR A 145 -17.94 -16.75 -27.10
CA THR A 145 -16.75 -16.46 -27.88
C THR A 145 -15.54 -16.14 -27.01
N THR A 146 -15.70 -16.30 -25.69
CA THR A 146 -14.62 -16.00 -24.75
C THR A 146 -13.41 -16.89 -25.00
N GLU A 147 -12.24 -16.26 -25.06
CA GLU A 147 -10.99 -16.99 -25.27
C GLU A 147 -10.31 -17.26 -23.92
N LEU A 148 -10.12 -18.53 -23.60
CA LEU A 148 -9.51 -18.92 -22.33
C LEU A 148 -8.00 -19.14 -22.46
N LYS A 149 -7.24 -18.47 -21.59
CA LYS A 149 -5.78 -18.56 -21.65
C LYS A 149 -5.19 -18.89 -20.28
N PHE A 150 -5.19 -20.17 -19.93
CA PHE A 150 -4.59 -20.61 -18.69
C PHE A 150 -3.07 -20.68 -18.82
N GLY A 151 -2.39 -20.67 -17.68
CA GLY A 151 -0.94 -20.69 -17.66
C GLY A 151 -0.26 -19.40 -18.11
N HIS A 152 -1.02 -18.32 -18.22
CA HIS A 152 -0.47 -17.03 -18.63
C HIS A 152 -0.40 -16.04 -17.46
N LYS A 153 0.80 -15.61 -17.11
CA LYS A 153 0.99 -14.68 -16.00
C LYS A 153 1.23 -13.26 -16.49
N LEU A 154 0.32 -12.35 -16.17
CA LEU A 154 0.49 -10.94 -16.53
C LEU A 154 1.69 -10.35 -15.79
N VAL A 155 2.61 -9.75 -16.53
CA VAL A 155 3.80 -9.18 -15.94
C VAL A 155 3.92 -7.67 -16.15
N LYS A 156 3.27 -7.16 -17.18
CA LYS A 156 3.37 -5.74 -17.52
C LYS A 156 2.24 -5.29 -18.43
N ILE A 157 1.81 -4.04 -18.25
CA ILE A 157 0.89 -3.41 -19.18
C ILE A 157 1.48 -2.07 -19.61
N GLU A 158 1.35 -1.76 -20.90
CA GLU A 158 1.71 -0.44 -21.39
C GLU A 158 0.43 0.34 -21.63
N TRP A 159 0.23 1.41 -20.86
CA TRP A 159 -0.97 2.22 -20.98
C TRP A 159 -0.86 3.22 -22.11
N THR A 160 -1.89 3.31 -22.94
CA THR A 160 -1.95 4.31 -23.99
C THR A 160 -3.35 4.93 -24.04
N ASP A 161 -3.50 5.98 -24.84
CA ASP A 161 -4.80 6.62 -25.00
C ASP A 161 -5.73 5.81 -25.89
N ASP A 162 -5.20 4.74 -26.48
CA ASP A 162 -5.97 3.88 -27.37
C ASP A 162 -6.09 2.46 -26.81
N LYS A 163 -5.32 1.53 -27.37
CA LYS A 163 -5.33 0.15 -26.88
C LYS A 163 -4.26 -0.07 -25.82
N GLN A 164 -4.49 -1.03 -24.94
CA GLN A 164 -3.54 -1.30 -23.86
C GLN A 164 -2.76 -2.58 -24.12
N ILE A 165 -1.45 -2.46 -24.20
CA ILE A 165 -0.59 -3.59 -24.52
C ILE A 165 -0.29 -4.43 -23.28
N CYS A 166 -0.74 -5.68 -23.29
CA CYS A 166 -0.55 -6.56 -22.14
C CYS A 166 0.56 -7.58 -22.38
N HIS A 167 1.49 -7.68 -21.43
CA HIS A 167 2.60 -8.61 -21.54
C HIS A 167 2.46 -9.76 -20.56
N PHE A 168 2.64 -10.98 -21.06
CA PHE A 168 2.50 -12.18 -20.25
C PHE A 168 3.75 -13.04 -20.27
N ALA A 169 3.84 -13.95 -19.29
CA ALA A 169 4.87 -14.95 -19.24
C ALA A 169 4.19 -16.30 -19.10
N ILE A 170 4.42 -17.19 -20.05
CA ILE A 170 3.75 -18.49 -20.08
C ILE A 170 4.57 -19.59 -19.44
N GLY A 171 4.01 -20.21 -18.40
CA GLY A 171 4.66 -21.32 -17.74
C GLY A 171 5.56 -20.89 -16.60
N GLU A 172 5.66 -21.75 -15.59
CA GLU A 172 6.47 -21.46 -14.41
C GLU A 172 7.96 -21.62 -14.68
N ASP A 173 8.31 -22.45 -15.66
CA ASP A 173 9.71 -22.74 -15.95
C ASP A 173 10.26 -21.85 -17.07
N LEU A 174 9.67 -21.95 -18.25
CA LEU A 174 10.16 -21.24 -19.43
C LEU A 174 9.87 -19.74 -19.37
N LYS A 175 8.71 -19.39 -18.84
CA LYS A 175 8.26 -18.00 -18.78
C LYS A 175 8.27 -17.37 -20.16
N THR A 176 7.72 -18.07 -21.14
CA THR A 176 7.67 -17.63 -22.53
C THR A 176 6.82 -16.37 -22.68
N PRO A 177 7.37 -15.34 -23.36
CA PRO A 177 6.69 -14.04 -23.53
C PRO A 177 5.50 -14.13 -24.48
N HIS A 178 4.42 -13.46 -24.10
CA HIS A 178 3.26 -13.31 -24.97
C HIS A 178 2.69 -11.92 -24.78
N THR A 179 2.37 -11.25 -25.88
CA THR A 179 1.85 -9.90 -25.82
C THR A 179 0.63 -9.74 -26.73
N GLU A 180 -0.28 -8.85 -26.34
CA GLU A 180 -1.50 -8.60 -27.11
C GLU A 180 -2.11 -7.25 -26.72
N LYS A 181 -2.79 -6.61 -27.67
CA LYS A 181 -3.41 -5.30 -27.43
C LYS A 181 -4.90 -5.43 -27.12
N TYR A 182 -5.37 -4.66 -26.15
CA TYR A 182 -6.79 -4.67 -25.79
C TYR A 182 -7.34 -3.26 -25.59
N ASP A 183 -8.64 -3.09 -25.81
CA ASP A 183 -9.27 -1.79 -25.63
C ASP A 183 -9.28 -1.40 -24.15
N PHE A 184 -9.52 -2.38 -23.29
CA PHE A 184 -9.44 -2.16 -21.84
C PHE A 184 -9.14 -3.46 -21.09
N VAL A 185 -8.76 -3.31 -19.83
CA VAL A 185 -8.32 -4.43 -19.02
C VAL A 185 -9.13 -4.47 -17.73
N ILE A 186 -9.54 -5.66 -17.31
CA ILE A 186 -10.23 -5.78 -16.03
C ILE A 186 -9.41 -6.60 -15.04
N GLY A 187 -9.00 -5.97 -13.95
CA GLY A 187 -8.20 -6.64 -12.95
C GLY A 187 -9.03 -7.45 -11.98
N CYS A 188 -9.03 -8.76 -12.15
CA CYS A 188 -9.68 -9.68 -11.23
C CYS A 188 -8.65 -10.68 -10.72
N ASP A 189 -7.45 -10.19 -10.43
CA ASP A 189 -6.33 -11.07 -10.11
C ASP A 189 -6.01 -11.14 -8.62
N GLY A 190 -7.03 -11.04 -7.78
CA GLY A 190 -6.89 -11.34 -6.36
C GLY A 190 -6.16 -10.30 -5.53
N ALA A 191 -5.97 -10.62 -4.25
CA ALA A 191 -5.42 -9.67 -3.29
C ALA A 191 -4.06 -9.08 -3.69
N TYR A 192 -3.25 -9.85 -4.41
CA TYR A 192 -1.92 -9.39 -4.81
C TYR A 192 -1.89 -8.89 -6.27
N SER A 193 -3.02 -8.37 -6.72
CA SER A 193 -3.26 -7.98 -8.12
C SER A 193 -2.09 -7.33 -8.86
N ALA A 194 -1.60 -8.00 -9.90
CA ALA A 194 -0.57 -7.43 -10.75
C ALA A 194 -1.10 -6.24 -11.54
N THR A 195 -2.39 -6.29 -11.88
CA THR A 195 -3.03 -5.21 -12.61
C THR A 195 -3.05 -3.94 -11.78
N ARG A 196 -3.39 -4.08 -10.50
CA ARG A 196 -3.42 -2.96 -9.58
C ARG A 196 -2.07 -2.25 -9.55
N SER A 197 -0.99 -3.02 -9.48
CA SER A 197 0.36 -2.46 -9.45
C SER A 197 0.69 -1.72 -10.75
N GLN A 198 0.25 -2.27 -11.88
CA GLN A 198 0.45 -1.62 -13.17
C GLN A 198 -0.30 -0.29 -13.21
N MET A 199 -1.49 -0.27 -12.63
CA MET A 199 -2.34 0.92 -12.62
C MET A 199 -1.76 2.03 -11.74
N GLN A 200 -1.02 1.65 -10.70
CA GLN A 200 -0.47 2.62 -9.77
C GLN A 200 0.62 3.49 -10.41
N ARG A 201 1.19 3.00 -11.51
CA ARG A 201 2.17 3.78 -12.26
C ARG A 201 1.46 4.85 -13.09
N LYS A 202 0.25 4.53 -13.55
CA LYS A 202 -0.50 5.44 -14.42
C LYS A 202 -1.26 6.51 -13.65
N VAL A 203 -1.95 6.11 -12.58
CA VAL A 203 -2.76 7.04 -11.80
C VAL A 203 -2.29 7.13 -10.35
N GLU A 204 -2.52 8.26 -9.70
CA GLU A 204 -2.26 8.41 -8.27
C GLU A 204 -3.32 7.63 -7.48
N MET A 205 -2.95 6.46 -7.00
CA MET A 205 -3.89 5.61 -6.29
C MET A 205 -3.62 5.60 -4.80
N ASP A 206 -4.61 5.98 -4.01
CA ASP A 206 -4.56 5.75 -2.58
C ASP A 206 -4.64 4.24 -2.42
N PHE A 207 -3.84 3.69 -1.51
CA PHE A 207 -3.74 2.25 -1.41
C PHE A 207 -3.24 1.83 -0.03
N SER A 208 -3.79 0.73 0.48
CA SER A 208 -3.29 0.19 1.74
C SER A 208 -3.43 -1.31 1.77
N GLN A 209 -2.38 -1.97 2.27
CA GLN A 209 -2.43 -3.40 2.52
C GLN A 209 -2.14 -3.63 3.99
N GLU A 210 -2.87 -4.56 4.60
CA GLU A 210 -2.68 -4.86 6.01
C GLU A 210 -2.76 -6.37 6.23
N TYR A 211 -1.71 -6.93 6.81
CA TYR A 211 -1.71 -8.36 7.10
C TYR A 211 -2.38 -8.63 8.43
N MET A 212 -3.40 -9.46 8.40
CA MET A 212 -4.16 -9.78 9.61
C MET A 212 -3.47 -10.83 10.46
N ASN A 213 -3.67 -10.74 11.77
CA ASN A 213 -3.13 -11.73 12.70
C ASN A 213 -3.92 -13.03 12.63
N LEU A 214 -5.05 -12.98 11.93
CA LEU A 214 -5.94 -14.12 11.79
C LEU A 214 -5.35 -15.23 10.93
N ARG A 215 -5.55 -16.47 11.35
CA ARG A 215 -5.25 -17.62 10.52
C ARG A 215 -6.45 -18.55 10.50
N TYR A 216 -6.66 -19.24 9.38
CA TYR A 216 -7.72 -20.22 9.31
C TYR A 216 -7.16 -21.60 8.99
N ILE A 217 -7.84 -22.64 9.46
CA ILE A 217 -7.46 -24.01 9.14
C ILE A 217 -8.67 -24.80 8.69
N GLU A 218 -8.60 -25.36 7.50
CA GLU A 218 -9.68 -26.15 6.95
C GLU A 218 -9.69 -27.55 7.55
N LEU A 219 -10.84 -27.94 8.11
CA LEU A 219 -11.01 -29.27 8.66
C LEU A 219 -12.14 -29.98 7.92
N TYR A 220 -12.38 -31.23 8.25
CA TYR A 220 -13.31 -32.05 7.48
C TYR A 220 -14.11 -32.98 8.36
N ILE A 221 -15.43 -32.89 8.25
CA ILE A 221 -16.33 -33.80 8.92
C ILE A 221 -16.89 -34.74 7.86
N PRO A 222 -16.50 -36.01 7.89
CA PRO A 222 -16.92 -36.98 6.87
C PRO A 222 -18.42 -37.31 6.94
N PRO A 223 -18.99 -37.75 5.82
CA PRO A 223 -20.40 -38.17 5.84
C PRO A 223 -20.54 -39.44 6.66
N THR A 224 -21.72 -39.67 7.22
CA THR A 224 -21.98 -40.89 7.97
C THR A 224 -22.08 -42.07 7.02
N GLU A 225 -21.91 -43.29 7.56
CA GLU A 225 -22.06 -44.48 6.74
C GLU A 225 -23.51 -44.71 6.37
N GLU A 226 -24.40 -44.40 7.31
CA GLU A 226 -25.82 -44.66 7.12
C GLU A 226 -26.65 -43.41 6.83
N PHE A 227 -27.61 -43.55 5.94
CA PHE A 227 -28.56 -42.50 5.60
C PHE A 227 -29.38 -42.11 6.83
N LYS A 228 -29.37 -40.81 7.15
CA LYS A 228 -30.17 -40.29 8.25
C LYS A 228 -31.45 -39.67 7.70
N PRO A 229 -32.59 -40.33 7.94
CA PRO A 229 -33.90 -39.87 7.44
C PRO A 229 -34.29 -38.49 7.95
N ASN A 230 -33.90 -38.14 9.18
CA ASN A 230 -34.23 -36.84 9.73
C ASN A 230 -33.42 -35.70 9.11
N TYR A 231 -32.26 -36.03 8.55
CA TYR A 231 -31.39 -35.02 7.94
C TYR A 231 -31.47 -35.05 6.41
N GLY A 232 -32.11 -36.09 5.88
CA GLY A 232 -32.28 -36.22 4.44
C GLY A 232 -30.99 -36.54 3.72
N GLY A 233 -30.05 -37.13 4.44
CA GLY A 233 -28.76 -37.49 3.86
C GLY A 233 -27.81 -38.07 4.89
N ASN A 234 -26.58 -38.33 4.48
CA ASN A 234 -25.58 -38.89 5.37
C ASN A 234 -24.81 -37.84 6.16
N PHE A 235 -25.54 -37.02 6.91
CA PHE A 235 -24.94 -35.94 7.69
C PHE A 235 -24.84 -36.36 9.15
N ALA A 236 -23.72 -35.99 9.79
CA ALA A 236 -23.50 -36.30 11.19
C ALA A 236 -24.21 -35.30 12.12
N ILE A 237 -24.41 -34.09 11.61
CA ILE A 237 -25.17 -33.05 12.32
C ILE A 237 -26.14 -32.39 11.34
N ALA A 238 -26.93 -31.43 11.82
CA ALA A 238 -27.95 -30.81 10.98
C ALA A 238 -27.34 -30.08 9.78
N PRO A 239 -27.71 -30.52 8.56
CA PRO A 239 -27.15 -29.94 7.33
C PRO A 239 -27.72 -28.55 7.01
N ASP A 240 -28.83 -28.18 7.63
CA ASP A 240 -29.49 -26.91 7.33
C ASP A 240 -29.18 -25.80 8.34
N HIS A 241 -28.12 -25.99 9.11
CA HIS A 241 -27.68 -24.97 10.06
C HIS A 241 -26.19 -24.66 9.86
N LEU A 242 -25.83 -23.38 9.95
CA LEU A 242 -24.43 -23.02 10.08
C LEU A 242 -23.99 -23.31 11.50
N HIS A 243 -23.08 -24.26 11.65
CA HIS A 243 -22.63 -24.66 12.97
C HIS A 243 -21.48 -23.76 13.44
N ILE A 244 -21.59 -23.26 14.66
CA ILE A 244 -20.57 -22.38 15.21
C ILE A 244 -20.22 -22.82 16.63
N TRP A 245 -18.93 -22.97 16.89
CA TRP A 245 -18.42 -23.22 18.23
C TRP A 245 -17.68 -21.96 18.66
N PRO A 246 -18.40 -20.99 19.23
CA PRO A 246 -17.75 -19.72 19.59
C PRO A 246 -16.95 -19.86 20.87
N ARG A 247 -15.70 -19.40 20.84
CA ARG A 247 -14.82 -19.44 22.01
C ARG A 247 -14.14 -18.10 22.19
N HIS A 248 -13.20 -18.04 23.12
CA HIS A 248 -12.50 -16.79 23.45
C HIS A 248 -11.32 -16.56 22.50
N LYS A 249 -11.47 -15.58 21.62
CA LYS A 249 -10.46 -15.21 20.63
C LYS A 249 -10.24 -16.25 19.54
N PHE A 250 -11.11 -17.26 19.49
CA PHE A 250 -11.08 -18.25 18.41
C PHE A 250 -12.44 -18.92 18.26
N MET A 251 -12.63 -19.63 17.14
CA MET A 251 -13.89 -20.31 16.88
C MET A 251 -13.77 -21.40 15.82
N LEU A 252 -14.72 -22.33 15.86
CA LEU A 252 -14.84 -23.36 14.84
C LEU A 252 -16.20 -23.23 14.18
N ILE A 253 -16.25 -23.47 12.87
CA ILE A 253 -17.52 -23.48 12.15
C ILE A 253 -17.63 -24.72 11.26
N ALA A 254 -18.84 -25.03 10.83
CA ALA A 254 -19.06 -26.12 9.88
C ALA A 254 -20.24 -25.82 8.97
N LEU A 255 -20.08 -26.15 7.69
CA LEU A 255 -21.09 -25.85 6.68
C LEU A 255 -21.20 -27.04 5.73
N ALA A 256 -22.43 -27.54 5.56
CA ALA A 256 -22.66 -28.79 4.84
C ALA A 256 -22.22 -28.78 3.38
N ASN A 257 -21.81 -29.95 2.90
CA ASN A 257 -21.62 -30.20 1.48
C ASN A 257 -22.74 -31.12 1.00
N SER A 258 -22.88 -31.26 -0.32
CA SER A 258 -23.93 -32.09 -0.89
C SER A 258 -23.79 -33.58 -0.57
N ASP A 259 -22.56 -34.05 -0.42
CA ASP A 259 -22.31 -35.48 -0.24
C ASP A 259 -22.50 -35.98 1.19
N GLY A 260 -22.93 -35.10 2.08
CA GLY A 260 -23.16 -35.49 3.46
C GLY A 260 -22.07 -35.04 4.43
N SER A 261 -20.90 -34.76 3.89
CA SER A 261 -19.80 -34.25 4.70
C SER A 261 -19.99 -32.78 5.02
N PHE A 262 -19.21 -32.27 5.96
CA PHE A 262 -19.18 -30.83 6.26
C PHE A 262 -17.79 -30.25 6.02
N THR A 263 -17.76 -29.05 5.44
CA THR A 263 -16.54 -28.26 5.38
C THR A 263 -16.45 -27.51 6.70
N SER A 264 -15.36 -27.73 7.43
CA SER A 264 -15.19 -27.11 8.74
C SER A 264 -13.96 -26.20 8.73
N THR A 265 -14.05 -25.08 9.45
CA THR A 265 -12.96 -24.12 9.50
C THR A 265 -12.69 -23.66 10.93
N PHE A 266 -11.42 -23.68 11.31
CA PHE A 266 -10.97 -23.12 12.58
C PHE A 266 -10.36 -21.74 12.32
N PHE A 267 -10.79 -20.75 13.09
CA PHE A 267 -10.23 -19.40 13.01
C PHE A 267 -9.52 -19.04 14.30
N GLY A 268 -8.28 -18.60 14.20
CA GLY A 268 -7.51 -18.21 15.37
C GLY A 268 -6.32 -17.34 15.01
N SER A 269 -5.68 -16.76 16.02
CA SER A 269 -4.51 -15.91 15.80
C SER A 269 -3.31 -16.79 15.46
N LYS A 270 -2.38 -16.25 14.68
CA LYS A 270 -1.21 -17.02 14.26
C LYS A 270 -0.33 -17.44 15.43
N ASP A 271 -0.27 -16.59 16.46
CA ASP A 271 0.50 -16.89 17.65
C ASP A 271 -0.08 -18.08 18.41
N GLN A 272 -1.40 -18.06 18.63
CA GLN A 272 -2.07 -19.16 19.33
C GLN A 272 -1.85 -20.48 18.60
N ILE A 273 -1.92 -20.43 17.27
CA ILE A 273 -1.73 -21.61 16.46
C ILE A 273 -0.28 -22.11 16.50
N SER A 274 0.66 -21.17 16.40
CA SER A 274 2.08 -21.51 16.53
C SER A 274 2.38 -22.15 17.88
N ASP A 275 1.74 -21.64 18.94
CA ASP A 275 1.94 -22.18 20.28
C ASP A 275 1.34 -23.58 20.44
N LEU A 276 0.51 -23.98 19.49
CA LEU A 276 -0.13 -25.30 19.54
C LEU A 276 0.65 -26.35 18.75
N ILE A 277 1.10 -25.98 17.55
CA ILE A 277 1.69 -26.94 16.63
C ILE A 277 3.13 -27.37 16.97
N THR A 278 3.57 -27.04 18.18
CA THR A 278 4.88 -27.48 18.65
C THR A 278 4.89 -28.99 18.87
N SER A 279 3.77 -29.55 19.32
CA SER A 279 3.64 -30.98 19.52
C SER A 279 2.26 -31.50 19.12
N LYS A 280 2.20 -32.74 18.64
CA LYS A 280 0.94 -33.35 18.22
C LYS A 280 -0.05 -33.43 19.37
N SER A 281 0.44 -33.79 20.54
CA SER A 281 -0.42 -33.99 21.71
C SER A 281 -1.03 -32.69 22.20
N ARG A 282 -0.34 -31.58 21.95
CA ARG A 282 -0.84 -30.27 22.36
C ARG A 282 -2.04 -29.84 21.50
N VAL A 283 -1.95 -30.06 20.19
CA VAL A 283 -3.05 -29.78 19.28
C VAL A 283 -4.26 -30.65 19.62
N ARG A 284 -4.02 -31.95 19.73
CA ARG A 284 -5.07 -32.93 20.02
C ARG A 284 -5.83 -32.60 21.30
N GLU A 285 -5.09 -32.28 22.37
CA GLU A 285 -5.70 -31.94 23.64
C GLU A 285 -6.50 -30.64 23.54
N PHE A 286 -5.98 -29.70 22.77
CA PHE A 286 -6.67 -28.44 22.53
C PHE A 286 -8.04 -28.68 21.89
N LEU A 287 -8.07 -29.54 20.88
CA LEU A 287 -9.31 -29.86 20.18
C LEU A 287 -10.32 -30.56 21.09
N ILE A 288 -9.85 -31.55 21.83
CA ILE A 288 -10.70 -32.31 22.74
C ILE A 288 -11.31 -31.43 23.82
N GLU A 289 -10.52 -30.52 24.37
CA GLU A 289 -10.96 -29.64 25.44
C GLU A 289 -12.00 -28.60 24.99
N ASN A 290 -11.78 -28.01 23.82
CA ASN A 290 -12.62 -26.90 23.38
C ASN A 290 -13.81 -27.32 22.52
N PHE A 291 -13.65 -28.42 21.79
CA PHE A 291 -14.71 -28.93 20.94
C PHE A 291 -14.98 -30.40 21.23
N PRO A 292 -15.52 -30.72 22.42
CA PRO A 292 -15.70 -32.10 22.84
C PRO A 292 -16.70 -32.90 21.98
N ASP A 293 -17.61 -32.23 21.29
CA ASP A 293 -18.60 -32.95 20.51
C ASP A 293 -18.17 -33.27 19.07
N ILE A 294 -16.99 -32.79 18.67
CA ILE A 294 -16.49 -33.08 17.33
C ILE A 294 -15.65 -34.35 17.26
N ILE A 295 -15.34 -34.91 18.42
CA ILE A 295 -14.56 -36.14 18.50
C ILE A 295 -15.30 -37.30 17.84
N ASN A 296 -16.61 -37.34 18.02
CA ASN A 296 -17.44 -38.43 17.51
C ASN A 296 -17.60 -38.39 15.99
N ILE A 297 -17.35 -37.24 15.38
CA ILE A 297 -17.68 -37.05 13.97
C ILE A 297 -16.49 -36.65 13.10
N MET A 298 -15.35 -36.36 13.73
CA MET A 298 -14.17 -35.96 12.97
C MET A 298 -12.93 -36.77 13.35
N ASP A 299 -12.15 -37.17 12.34
CA ASP A 299 -10.87 -37.85 12.53
C ASP A 299 -9.90 -36.90 13.22
N LEU A 300 -9.68 -37.10 14.51
CA LEU A 300 -8.87 -36.22 15.33
C LEU A 300 -7.41 -36.16 14.89
N ASP A 301 -6.85 -37.32 14.51
CA ASP A 301 -5.45 -37.37 14.09
C ASP A 301 -5.24 -36.70 12.74
N ASP A 302 -6.25 -36.78 11.87
CA ASP A 302 -6.19 -36.07 10.60
C ASP A 302 -6.26 -34.57 10.86
N ALA A 303 -7.14 -34.16 11.76
CA ALA A 303 -7.26 -32.76 12.16
C ALA A 303 -5.93 -32.22 12.67
N VAL A 304 -5.23 -33.03 13.47
CA VAL A 304 -3.94 -32.65 14.02
C VAL A 304 -2.91 -32.36 12.92
N LYS A 305 -2.84 -33.24 11.93
CA LYS A 305 -1.93 -33.05 10.80
C LYS A 305 -2.21 -31.75 10.05
N ARG A 306 -3.50 -31.42 9.93
CA ARG A 306 -3.90 -30.20 9.23
C ARG A 306 -3.46 -28.94 9.97
N PHE A 307 -3.55 -28.96 11.29
CA PHE A 307 -3.04 -27.86 12.10
C PHE A 307 -1.55 -27.69 11.89
N ILE A 308 -0.83 -28.80 11.88
CA ILE A 308 0.63 -28.80 11.83
C ILE A 308 1.16 -28.44 10.44
N THR A 309 0.49 -28.90 9.40
CA THR A 309 0.93 -28.66 8.03
C THR A 309 0.07 -27.63 7.30
N TYR A 310 -0.37 -26.61 8.02
CA TYR A 310 -1.22 -25.58 7.41
C TYR A 310 -0.38 -24.47 6.80
N PRO A 311 -0.81 -23.95 5.64
CA PRO A 311 -0.12 -22.85 4.95
C PRO A 311 0.06 -21.63 5.85
N LYS A 312 1.31 -21.21 6.03
CA LYS A 312 1.64 -20.13 6.95
C LYS A 312 1.42 -18.74 6.34
N GLU A 313 0.81 -18.70 5.17
CA GLU A 313 0.59 -17.44 4.45
C GLU A 313 -0.48 -16.59 5.14
N SER A 314 -0.15 -15.33 5.39
CA SER A 314 -1.09 -14.43 6.05
C SER A 314 -2.19 -13.95 5.09
N LEU A 315 -3.35 -13.66 5.65
CA LEU A 315 -4.44 -13.04 4.92
C LEU A 315 -4.18 -11.54 4.82
N VAL A 316 -4.30 -10.98 3.63
CA VAL A 316 -4.06 -9.55 3.43
C VAL A 316 -5.34 -8.79 3.06
N CYS A 317 -5.56 -7.65 3.71
CA CYS A 317 -6.69 -6.80 3.38
C CYS A 317 -6.22 -5.58 2.62
N VAL A 318 -6.93 -5.24 1.55
CA VAL A 318 -6.54 -4.10 0.74
C VAL A 318 -7.70 -3.13 0.49
N ASN A 319 -7.34 -1.88 0.18
CA ASN A 319 -8.28 -0.88 -0.28
C ASN A 319 -7.59 0.06 -1.26
N CYS A 320 -8.32 0.40 -2.28
CA CYS A 320 -7.85 1.42 -3.16
C CYS A 320 -8.84 2.44 -3.48
N LYS A 321 -8.30 3.52 -3.94
CA LYS A 321 -9.03 4.56 -4.66
C LYS A 321 -8.10 5.34 -5.60
N PRO A 322 -8.41 5.47 -6.87
CA PRO A 322 -9.56 4.92 -7.52
C PRO A 322 -9.45 3.47 -8.01
N TYR A 323 -10.59 2.92 -8.36
CA TYR A 323 -10.69 1.60 -8.85
C TYR A 323 -10.38 1.53 -10.38
N ASP A 324 -10.15 2.65 -11.04
CA ASP A 324 -10.10 2.69 -12.50
C ASP A 324 -9.02 3.61 -13.09
N VAL A 325 -8.63 3.32 -14.33
CA VAL A 325 -7.76 4.22 -15.09
C VAL A 325 -8.64 5.07 -16.00
N PRO A 326 -8.49 6.41 -15.92
CA PRO A 326 -9.29 7.37 -16.68
C PRO A 326 -9.34 7.06 -18.18
N GLY A 327 -10.48 7.33 -18.81
CA GLY A 327 -10.66 7.01 -20.21
C GLY A 327 -11.25 5.62 -20.37
N GLY A 328 -11.63 5.03 -19.24
CA GLY A 328 -12.19 3.69 -19.23
C GLY A 328 -11.20 2.62 -19.65
N LYS A 329 -9.92 2.83 -19.33
CA LYS A 329 -8.87 1.93 -19.80
C LYS A 329 -8.69 0.68 -18.93
N ALA A 330 -9.09 0.77 -17.66
CA ALA A 330 -8.95 -0.37 -16.76
C ALA A 330 -9.84 -0.20 -15.52
N ILE A 331 -10.23 -1.32 -14.93
CA ILE A 331 -11.00 -1.31 -13.69
C ILE A 331 -10.68 -2.54 -12.83
N LEU A 332 -10.67 -2.37 -11.51
CA LEU A 332 -10.39 -3.47 -10.60
C LEU A 332 -11.67 -3.97 -9.92
N LEU A 333 -11.86 -5.29 -9.93
CA LEU A 333 -13.00 -5.92 -9.28
C LEU A 333 -12.55 -7.03 -8.31
N GLY A 334 -13.45 -7.42 -7.42
CA GLY A 334 -13.18 -8.51 -6.50
C GLY A 334 -12.04 -8.22 -5.54
N ASP A 335 -11.35 -9.28 -5.10
CA ASP A 335 -10.24 -9.15 -4.15
C ASP A 335 -9.14 -8.17 -4.59
N ALA A 336 -8.96 -8.02 -5.90
CA ALA A 336 -7.99 -7.07 -6.44
C ALA A 336 -8.26 -5.66 -5.93
N ALA A 337 -9.53 -5.33 -5.78
CA ALA A 337 -9.94 -3.99 -5.39
C ALA A 337 -10.21 -3.86 -3.90
N HIS A 338 -10.59 -4.96 -3.25
CA HIS A 338 -11.03 -4.88 -1.85
C HIS A 338 -10.98 -6.19 -1.06
N ALA A 339 -9.84 -6.88 -1.08
CA ALA A 339 -9.64 -8.06 -0.25
C ALA A 339 -10.02 -7.80 1.20
N MET A 340 -10.79 -8.71 1.78
CA MET A 340 -11.49 -8.52 3.05
C MET A 340 -11.16 -9.63 4.05
N VAL A 341 -11.42 -9.38 5.33
CA VAL A 341 -11.28 -10.42 6.35
C VAL A 341 -12.36 -11.46 6.16
N PRO A 342 -11.96 -12.74 6.08
CA PRO A 342 -12.94 -13.83 5.89
C PRO A 342 -13.91 -13.96 7.08
N PHE A 343 -15.01 -14.67 6.86
CA PHE A 343 -16.08 -14.82 7.85
C PHE A 343 -16.79 -13.51 8.18
N TYR A 344 -16.05 -12.55 8.73
CA TYR A 344 -16.63 -11.26 9.08
C TYR A 344 -16.98 -10.45 7.84
N GLY A 345 -16.28 -10.72 6.75
CA GLY A 345 -16.58 -10.09 5.48
C GLY A 345 -16.96 -11.17 4.48
N GLN A 346 -17.61 -10.77 3.40
CA GLN A 346 -18.11 -11.72 2.41
C GLN A 346 -17.58 -11.38 1.02
N GLY A 347 -16.35 -11.77 0.75
CA GLY A 347 -15.65 -11.39 -0.46
C GLY A 347 -16.27 -11.80 -1.78
N MET A 348 -16.75 -13.04 -1.88
CA MET A 348 -17.38 -13.51 -3.12
C MET A 348 -18.67 -12.76 -3.42
N ASN A 349 -19.57 -12.70 -2.44
CA ASN A 349 -20.83 -11.98 -2.62
C ASN A 349 -20.61 -10.52 -2.99
N CYS A 350 -19.63 -9.91 -2.35
CA CYS A 350 -19.26 -8.52 -2.62
C CYS A 350 -18.68 -8.38 -4.03
N GLY A 351 -17.85 -9.34 -4.44
CA GLY A 351 -17.26 -9.33 -5.77
C GLY A 351 -18.27 -9.55 -6.88
N PHE A 352 -19.25 -10.42 -6.65
CA PHE A 352 -20.32 -10.65 -7.61
C PHE A 352 -21.16 -9.39 -7.78
N GLU A 353 -21.33 -8.68 -6.67
CA GLU A 353 -22.06 -7.42 -6.64
C GLU A 353 -21.28 -6.33 -7.38
N ASP A 354 -19.95 -6.40 -7.34
CA ASP A 354 -19.11 -5.52 -8.15
C ASP A 354 -19.50 -5.63 -9.61
N VAL A 355 -19.58 -6.87 -10.09
CA VAL A 355 -19.90 -7.12 -11.50
C VAL A 355 -21.27 -6.59 -11.87
N ARG A 356 -22.30 -6.94 -11.09
CA ARG A 356 -23.65 -6.46 -11.35
C ARG A 356 -23.70 -4.93 -11.41
N ILE A 357 -23.09 -4.28 -10.44
CA ILE A 357 -23.09 -2.81 -10.38
C ILE A 357 -22.37 -2.19 -11.58
N LEU A 358 -21.24 -2.77 -11.97
CA LEU A 358 -20.51 -2.30 -13.14
C LEU A 358 -21.37 -2.37 -14.40
N MET A 359 -21.96 -3.53 -14.65
CA MET A 359 -22.75 -3.77 -15.87
C MET A 359 -23.94 -2.82 -15.97
N ALA A 360 -24.52 -2.45 -14.84
CA ALA A 360 -25.67 -1.56 -14.82
C ALA A 360 -25.24 -0.14 -15.19
N LEU A 361 -24.05 0.24 -14.74
CA LEU A 361 -23.49 1.56 -15.06
C LEU A 361 -23.11 1.66 -16.53
N LEU A 362 -22.69 0.53 -17.10
CA LEU A 362 -22.37 0.49 -18.52
C LEU A 362 -23.63 0.62 -19.37
N LYS A 363 -24.72 0.00 -18.91
CA LYS A 363 -26.01 0.10 -19.56
C LYS A 363 -26.51 1.53 -19.50
N LYS A 364 -26.48 2.10 -18.30
CA LYS A 364 -26.91 3.48 -18.07
C LYS A 364 -26.18 4.50 -18.95
N HIS A 365 -24.92 4.23 -19.27
CA HIS A 365 -24.12 5.16 -20.07
C HIS A 365 -23.90 4.70 -21.51
N SER A 366 -24.72 3.73 -21.95
CA SER A 366 -24.66 3.24 -23.32
C SER A 366 -23.26 2.81 -23.75
N GLY A 367 -22.55 2.11 -22.87
CA GLY A 367 -21.24 1.57 -23.21
C GLY A 367 -20.07 2.53 -23.06
N ASP A 368 -20.34 3.76 -22.64
CA ASP A 368 -19.27 4.71 -22.39
C ASP A 368 -18.54 4.30 -21.11
N ARG A 369 -17.44 3.55 -21.29
CA ARG A 369 -16.69 3.01 -20.16
C ARG A 369 -16.04 4.11 -19.35
N SER A 370 -15.64 5.18 -20.02
CA SER A 370 -15.01 6.31 -19.35
C SER A 370 -15.93 6.90 -18.27
N ARG A 371 -17.19 7.09 -18.63
CA ARG A 371 -18.18 7.58 -17.67
C ARG A 371 -18.57 6.50 -16.67
N ALA A 372 -18.78 5.29 -17.19
CA ALA A 372 -19.18 4.16 -16.35
C ALA A 372 -18.13 3.85 -15.30
N PHE A 373 -16.88 3.68 -15.73
CA PHE A 373 -15.79 3.35 -14.82
C PHE A 373 -15.57 4.46 -13.79
N THR A 374 -15.65 5.71 -14.26
CA THR A 374 -15.51 6.86 -13.38
C THR A 374 -16.60 6.90 -12.32
N GLU A 375 -17.85 6.68 -12.73
CA GLU A 375 -18.95 6.67 -11.77
C GLU A 375 -18.86 5.48 -10.83
N TYR A 376 -18.34 4.36 -11.32
CA TYR A 376 -18.14 3.18 -10.48
C TYR A 376 -17.31 3.55 -9.26
N THR A 377 -16.12 4.10 -9.50
CA THR A 377 -15.26 4.55 -8.41
C THR A 377 -15.98 5.52 -7.48
N GLN A 378 -16.63 6.51 -8.07
CA GLN A 378 -17.30 7.56 -7.32
C GLN A 378 -18.43 7.07 -6.43
N THR A 379 -19.08 5.97 -6.80
CA THR A 379 -20.24 5.51 -6.03
C THR A 379 -20.01 4.21 -5.26
N ARG A 380 -19.07 3.39 -5.71
CA ARG A 380 -18.85 2.09 -5.07
C ARG A 380 -17.84 2.17 -3.92
N HIS A 381 -16.87 3.06 -4.04
CA HIS A 381 -15.79 3.16 -3.05
C HIS A 381 -16.32 3.35 -1.64
N LYS A 382 -17.23 4.31 -1.49
CA LYS A 382 -17.81 4.62 -0.19
C LYS A 382 -18.53 3.41 0.42
N ASP A 383 -19.18 2.61 -0.42
CA ASP A 383 -19.86 1.41 0.06
C ASP A 383 -18.85 0.33 0.43
N LEU A 384 -17.76 0.24 -0.35
CA LEU A 384 -16.72 -0.74 -0.08
C LEU A 384 -15.98 -0.47 1.22
N VAL A 385 -15.52 0.76 1.41
CA VAL A 385 -14.80 1.10 2.63
C VAL A 385 -15.64 0.84 3.88
N SER A 386 -16.94 1.16 3.79
CA SER A 386 -17.88 0.90 4.86
C SER A 386 -17.92 -0.58 5.24
N ILE A 387 -18.05 -1.43 4.23
CA ILE A 387 -18.12 -2.87 4.42
C ILE A 387 -16.82 -3.46 4.99
N THR A 388 -15.69 -3.12 4.38
CA THR A 388 -14.41 -3.68 4.77
C THR A 388 -13.99 -3.22 6.17
N GLU A 389 -14.28 -1.96 6.50
CA GLU A 389 -13.96 -1.44 7.82
C GLU A 389 -14.77 -2.14 8.90
N LEU A 390 -16.05 -2.34 8.63
CA LEU A 390 -16.93 -3.06 9.55
C LEU A 390 -16.40 -4.48 9.80
N ALA A 391 -16.04 -5.16 8.72
CA ALA A 391 -15.50 -6.52 8.84
C ALA A 391 -14.20 -6.55 9.64
N LYS A 392 -13.33 -5.59 9.37
CA LYS A 392 -12.06 -5.48 10.08
C LYS A 392 -12.24 -5.12 11.55
N ARG A 393 -13.10 -4.13 11.81
CA ARG A 393 -13.39 -3.71 13.19
C ARG A 393 -13.94 -4.86 14.02
N ASN A 394 -14.85 -5.63 13.43
CA ASN A 394 -15.47 -6.76 14.13
C ASN A 394 -14.50 -7.88 14.46
N TYR A 395 -13.58 -8.17 13.54
CA TYR A 395 -12.56 -9.17 13.78
C TYR A 395 -11.59 -8.71 14.87
N LYS A 396 -11.30 -7.42 14.92
CA LYS A 396 -10.37 -6.91 15.92
C LYS A 396 -11.01 -6.86 17.30
N GLU A 397 -12.33 -6.76 17.34
CA GLU A 397 -13.07 -6.90 18.59
C GLU A 397 -13.25 -8.38 18.91
N MET A 398 -12.85 -9.24 17.97
CA MET A 398 -12.73 -10.68 18.17
C MET A 398 -14.05 -11.37 18.53
N HIS B 20 38.42 -1.51 5.20
CA HIS B 20 38.40 -1.90 6.61
C HIS B 20 38.05 -3.38 6.77
N MET B 21 39.06 -4.21 7.00
CA MET B 21 38.88 -5.65 7.14
C MET B 21 38.15 -6.01 8.42
N MET B 22 38.11 -5.07 9.36
CA MET B 22 37.54 -5.31 10.68
C MET B 22 36.01 -5.29 10.68
N SER B 23 35.42 -4.64 9.68
CA SER B 23 33.98 -4.39 9.69
C SER B 23 33.24 -4.82 8.43
N GLU B 24 31.91 -4.77 8.51
CA GLU B 24 31.05 -5.23 7.44
C GLU B 24 30.85 -4.18 6.35
N SER B 25 30.24 -4.60 5.24
CA SER B 25 29.92 -3.68 4.15
C SER B 25 28.42 -3.41 4.12
N VAL B 26 28.06 -2.20 3.68
CA VAL B 26 26.67 -1.79 3.58
C VAL B 26 26.44 -0.99 2.31
N ALA B 27 25.35 -1.29 1.61
CA ALA B 27 24.93 -0.48 0.49
C ALA B 27 23.78 0.44 0.91
N ILE B 28 23.98 1.74 0.73
CA ILE B 28 22.94 2.69 1.08
C ILE B 28 22.33 3.24 -0.19
N ILE B 29 21.03 3.08 -0.34
CA ILE B 29 20.32 3.41 -1.57
C ILE B 29 19.62 4.75 -1.43
N GLY B 30 20.15 5.76 -2.10
CA GLY B 30 19.61 7.10 -2.01
C GLY B 30 20.59 8.09 -1.39
N ALA B 31 20.91 9.14 -2.12
CA ALA B 31 21.87 10.13 -1.65
C ALA B 31 21.19 11.47 -1.39
N GLY B 32 19.95 11.42 -0.90
CA GLY B 32 19.29 12.61 -0.42
C GLY B 32 19.85 12.98 0.95
N LEU B 33 19.15 13.86 1.66
CA LEU B 33 19.61 14.31 2.96
C LEU B 33 19.78 13.16 3.94
N VAL B 34 18.79 12.27 3.98
CA VAL B 34 18.81 11.14 4.92
C VAL B 34 19.88 10.11 4.57
N GLY B 35 19.94 9.70 3.30
CA GLY B 35 20.97 8.79 2.84
C GLY B 35 22.39 9.27 3.10
N CYS B 36 22.63 10.56 2.89
CA CYS B 36 23.96 11.13 3.13
C CYS B 36 24.35 11.10 4.62
N LEU B 37 23.39 11.40 5.49
CA LEU B 37 23.66 11.37 6.92
C LEU B 37 23.88 9.94 7.41
N ALA B 38 23.10 9.00 6.87
CA ALA B 38 23.27 7.58 7.19
C ALA B 38 24.66 7.10 6.77
N ALA B 39 25.05 7.43 5.54
CA ALA B 39 26.37 7.07 5.03
C ALA B 39 27.47 7.67 5.89
N LEU B 40 27.28 8.92 6.28
CA LEU B 40 28.24 9.62 7.12
C LEU B 40 28.33 8.95 8.50
N ALA B 41 27.18 8.49 9.00
CA ALA B 41 27.11 7.84 10.31
C ALA B 41 27.81 6.48 10.30
N PHE B 42 27.54 5.68 9.28
CA PHE B 42 28.10 4.33 9.19
C PHE B 42 29.59 4.34 8.85
N SER B 43 30.01 5.24 7.97
CA SER B 43 31.42 5.31 7.59
C SER B 43 32.29 5.73 8.77
N LYS B 44 31.73 6.55 9.65
CA LYS B 44 32.45 6.98 10.85
C LYS B 44 32.47 5.89 11.93
N GLU B 45 31.58 4.91 11.80
CA GLU B 45 31.57 3.78 12.72
C GLU B 45 32.48 2.64 12.23
N GLY B 46 33.19 2.88 11.14
CA GLY B 46 34.14 1.91 10.63
C GLY B 46 33.61 1.03 9.52
N TYR B 47 32.32 1.15 9.19
CA TYR B 47 31.72 0.30 8.16
C TYR B 47 32.23 0.64 6.76
N ASN B 48 32.22 -0.35 5.88
CA ASN B 48 32.56 -0.12 4.48
C ASN B 48 31.30 0.26 3.72
N VAL B 49 31.17 1.55 3.41
CA VAL B 49 29.92 2.11 2.93
C VAL B 49 29.95 2.45 1.44
N THR B 50 28.94 2.00 0.72
CA THR B 50 28.75 2.43 -0.67
C THR B 50 27.41 3.15 -0.80
N LEU B 51 27.45 4.39 -1.27
CA LEU B 51 26.25 5.21 -1.41
C LEU B 51 25.85 5.34 -2.88
N TYR B 52 24.67 4.83 -3.23
CA TYR B 52 24.17 4.84 -4.60
C TYR B 52 23.07 5.88 -4.81
N ASP B 53 22.99 6.42 -6.04
CA ASP B 53 21.87 7.26 -6.45
C ASP B 53 21.78 7.22 -7.98
N PHE B 54 20.56 7.24 -8.52
CA PHE B 54 20.41 7.22 -9.97
C PHE B 54 20.57 8.62 -10.58
N ARG B 55 20.56 9.64 -9.74
CA ARG B 55 20.81 11.00 -10.20
C ARG B 55 22.30 11.20 -10.43
N GLN B 56 22.65 12.30 -11.08
CA GLN B 56 24.06 12.68 -11.19
C GLN B 56 24.43 13.51 -9.97
N ASP B 57 25.73 13.69 -9.74
CA ASP B 57 26.21 14.49 -8.61
C ASP B 57 25.67 15.91 -8.71
N PRO B 58 24.78 16.28 -7.77
CA PRO B 58 24.15 17.60 -7.80
C PRO B 58 25.15 18.75 -7.75
N ARG B 59 26.37 18.48 -7.28
CA ARG B 59 27.40 19.50 -7.13
C ARG B 59 28.02 19.94 -8.46
N LEU B 60 27.75 19.18 -9.52
CA LEU B 60 28.30 19.49 -10.84
C LEU B 60 27.43 20.49 -11.60
N ASP B 61 28.09 21.42 -12.29
CA ASP B 61 27.39 22.40 -13.11
C ASP B 61 26.68 21.74 -14.28
N THR B 62 27.21 20.59 -14.71
CA THR B 62 26.65 19.86 -15.83
C THR B 62 25.37 19.11 -15.44
N THR B 63 25.06 19.06 -14.15
CA THR B 63 23.82 18.44 -13.67
C THR B 63 22.72 19.48 -13.56
N LYS B 64 21.81 19.49 -14.54
CA LYS B 64 20.77 20.51 -14.62
C LYS B 64 19.62 20.27 -13.64
N ASN B 65 19.18 19.02 -13.53
CA ASN B 65 18.10 18.66 -12.63
C ASN B 65 18.61 18.28 -11.24
N LYS B 66 18.45 19.20 -10.28
CA LYS B 66 19.04 19.02 -8.95
C LYS B 66 18.17 18.19 -8.00
N ASN B 67 16.92 17.93 -8.41
CA ASN B 67 15.96 17.24 -7.56
C ASN B 67 15.76 17.91 -6.19
N LEU B 68 15.23 19.13 -6.22
CA LEU B 68 14.99 19.89 -5.00
C LEU B 68 13.50 20.17 -4.85
N LYS B 69 12.83 19.43 -3.98
CA LYS B 69 11.40 19.60 -3.76
C LYS B 69 11.06 20.99 -3.23
N SER B 70 12.03 21.62 -2.57
CA SER B 70 11.91 23.00 -2.12
C SER B 70 13.29 23.63 -2.03
N ILE B 71 13.34 24.96 -2.11
CA ILE B 71 14.60 25.69 -2.04
C ILE B 71 15.22 25.63 -0.64
N ASN B 72 14.41 25.81 0.39
CA ASN B 72 14.91 25.66 1.75
C ASN B 72 14.01 24.83 2.65
N LEU B 73 14.48 24.57 3.86
CA LEU B 73 13.72 23.78 4.80
C LEU B 73 14.02 24.25 6.21
N ALA B 74 13.21 23.81 7.16
CA ALA B 74 13.39 24.20 8.55
C ALA B 74 13.99 23.05 9.33
N ILE B 75 15.22 23.23 9.79
CA ILE B 75 15.86 22.21 10.60
C ILE B 75 15.64 22.51 12.09
N SER B 76 15.16 21.50 12.82
CA SER B 76 14.80 21.68 14.22
C SER B 76 15.97 21.31 15.13
N ALA B 77 15.79 21.53 16.43
CA ALA B 77 16.83 21.21 17.40
C ALA B 77 17.17 19.73 17.39
N ARG B 78 16.16 18.88 17.27
CA ARG B 78 16.38 17.44 17.18
C ARG B 78 17.19 17.08 15.93
N GLY B 79 16.87 17.73 14.82
CA GLY B 79 17.60 17.51 13.58
C GLY B 79 19.06 17.92 13.72
N ILE B 80 19.29 19.06 14.36
CA ILE B 80 20.64 19.55 14.58
C ILE B 80 21.45 18.60 15.47
N ASP B 81 20.83 18.14 16.55
CA ASP B 81 21.47 17.22 17.48
C ASP B 81 21.91 15.92 16.79
N ALA B 82 21.04 15.39 15.94
CA ALA B 82 21.36 14.19 15.16
C ALA B 82 22.62 14.43 14.35
N LEU B 83 22.68 15.59 13.69
CA LEU B 83 23.84 15.97 12.90
C LEU B 83 25.06 16.16 13.79
N LYS B 84 24.86 16.83 14.93
CA LYS B 84 25.95 17.08 15.87
C LYS B 84 26.52 15.78 16.45
N SER B 85 25.67 14.77 16.60
CA SER B 85 26.08 13.49 17.19
C SER B 85 26.87 12.62 16.21
N ILE B 86 26.85 12.98 14.94
CA ILE B 86 27.52 12.20 13.90
C ILE B 86 28.80 12.87 13.42
N ASP B 87 28.72 14.17 13.16
CA ASP B 87 29.88 14.93 12.70
C ASP B 87 29.99 16.26 13.44
N PRO B 88 30.35 16.21 14.74
CA PRO B 88 30.45 17.44 15.54
C PRO B 88 31.57 18.34 15.07
N ASP B 89 32.54 17.79 14.36
CA ASP B 89 33.66 18.57 13.83
C ASP B 89 33.17 19.62 12.84
N ALA B 90 32.24 19.24 11.98
CA ALA B 90 31.82 20.09 10.87
C ALA B 90 30.42 20.71 11.05
N CYS B 91 29.65 20.19 11.99
CA CYS B 91 28.25 20.59 12.17
C CYS B 91 28.06 22.10 12.30
N GLU B 92 29.00 22.76 12.99
CA GLU B 92 28.92 24.20 13.14
C GLU B 92 29.12 24.91 11.79
N HIS B 93 30.09 24.43 11.01
CA HIS B 93 30.40 25.05 9.73
C HIS B 93 29.27 24.84 8.74
N ILE B 94 28.70 23.65 8.75
CA ILE B 94 27.60 23.29 7.85
C ILE B 94 26.36 24.16 8.10
N LEU B 95 26.08 24.46 9.36
CA LEU B 95 24.85 25.17 9.72
C LEU B 95 25.03 26.66 9.98
N GLN B 96 26.24 27.18 9.77
CA GLN B 96 26.55 28.56 10.15
C GLN B 96 25.68 29.62 9.48
N ASP B 97 25.06 29.28 8.36
CA ASP B 97 24.20 30.22 7.63
C ASP B 97 22.71 30.02 7.92
N MET B 98 22.37 29.08 8.79
CA MET B 98 20.98 28.82 9.10
C MET B 98 20.35 30.02 9.81
N ILE B 99 19.08 30.27 9.53
CA ILE B 99 18.40 31.45 10.06
C ILE B 99 17.32 31.05 11.07
N PRO B 100 17.61 31.29 12.36
CA PRO B 100 16.69 30.95 13.45
C PRO B 100 15.35 31.65 13.32
N MET B 101 14.27 30.91 13.51
CA MET B 101 12.94 31.48 13.47
C MET B 101 12.27 31.21 14.81
N LYS B 102 12.07 32.27 15.60
CA LYS B 102 11.62 32.15 16.98
C LYS B 102 10.10 32.02 17.13
N GLY B 103 9.38 32.10 16.01
CA GLY B 103 7.94 31.98 16.06
C GLY B 103 7.28 32.04 14.69
N ARG B 104 5.95 32.07 14.69
CA ARG B 104 5.19 32.27 13.46
C ARG B 104 4.83 33.74 13.34
N MET B 105 4.84 34.26 12.12
CA MET B 105 4.26 35.56 11.85
C MET B 105 3.00 35.36 11.02
N ILE B 106 1.85 35.64 11.62
CA ILE B 106 0.56 35.42 10.97
C ILE B 106 0.09 36.69 10.26
N HIS B 107 -0.18 36.58 8.97
CA HIS B 107 -0.68 37.70 8.19
C HIS B 107 -2.17 37.51 7.94
N ASP B 108 -3.01 38.32 8.58
CA ASP B 108 -4.46 38.19 8.39
C ASP B 108 -4.95 38.81 7.09
N LEU B 109 -6.24 38.72 6.85
CA LEU B 109 -6.86 39.16 5.60
C LEU B 109 -6.79 40.67 5.38
N LYS B 110 -6.49 41.43 6.44
CA LYS B 110 -6.39 42.88 6.33
C LYS B 110 -4.94 43.36 6.31
N GLY B 111 -4.01 42.43 6.14
CA GLY B 111 -2.60 42.76 6.00
C GLY B 111 -1.86 42.96 7.31
N ARG B 112 -2.54 42.75 8.43
CA ARG B 112 -1.93 42.90 9.74
C ARG B 112 -1.02 41.72 10.07
N GLN B 113 0.13 41.97 10.67
CA GLN B 113 1.02 40.90 11.10
C GLN B 113 0.96 40.70 12.61
N GLU B 114 0.94 39.44 13.03
CA GLU B 114 0.94 39.11 14.44
C GLU B 114 2.00 38.07 14.73
N SER B 115 2.85 38.36 15.72
CA SER B 115 3.93 37.47 16.09
C SER B 115 3.48 36.50 17.18
N GLN B 116 3.83 35.22 17.01
CA GLN B 116 3.54 34.20 18.01
C GLN B 116 4.80 33.39 18.28
N LEU B 117 5.36 33.55 19.47
CA LEU B 117 6.60 32.86 19.82
C LEU B 117 6.37 31.36 19.98
N TYR B 118 7.41 30.57 19.73
CA TYR B 118 7.33 29.13 19.90
C TYR B 118 7.37 28.74 21.38
N GLY B 119 7.91 29.63 22.21
CA GLY B 119 7.98 29.40 23.65
C GLY B 119 8.45 30.64 24.40
N LEU B 120 8.60 30.50 25.72
CA LEU B 120 9.07 31.61 26.55
C LEU B 120 10.58 31.57 26.74
N HIS B 121 11.20 30.56 26.15
CA HIS B 121 12.65 30.49 26.05
C HIS B 121 13.08 30.81 24.62
N GLY B 122 14.23 30.31 24.21
CA GLY B 122 14.75 30.61 22.89
C GLY B 122 14.38 29.62 21.80
N GLU B 123 13.29 28.88 22.01
CA GLU B 123 12.87 27.82 21.09
C GLU B 123 12.77 28.30 19.64
N ALA B 124 13.45 27.59 18.74
CA ALA B 124 13.48 27.98 17.34
C ALA B 124 13.67 26.79 16.40
N ILE B 125 13.14 26.93 15.19
CA ILE B 125 13.48 26.05 14.08
C ILE B 125 14.24 26.93 13.10
N ASN B 126 15.16 26.35 12.34
CA ASN B 126 16.08 27.14 11.55
C ASN B 126 15.95 26.94 10.05
N SER B 127 15.78 28.05 9.32
CA SER B 127 15.73 28.01 7.87
C SER B 127 17.12 27.83 7.28
N ILE B 128 17.25 26.88 6.36
CA ILE B 128 18.53 26.58 5.74
C ILE B 128 18.33 26.10 4.30
N ASN B 129 19.26 26.43 3.42
CA ASN B 129 19.18 26.05 2.01
C ASN B 129 19.37 24.54 1.78
N ARG B 130 18.38 23.91 1.16
CA ARG B 130 18.38 22.47 0.93
C ARG B 130 19.61 21.95 0.16
N SER B 131 19.90 22.60 -0.97
CA SER B 131 21.02 22.17 -1.81
C SER B 131 22.36 22.38 -1.13
N VAL B 132 22.54 23.53 -0.46
CA VAL B 132 23.78 23.78 0.24
C VAL B 132 24.01 22.71 1.30
N LEU B 133 22.95 22.37 2.03
CA LEU B 133 23.03 21.32 3.03
C LEU B 133 23.33 19.96 2.41
N ASN B 134 22.62 19.61 1.34
CA ASN B 134 22.84 18.33 0.68
C ASN B 134 24.26 18.24 0.12
N ASN B 135 24.72 19.33 -0.51
CA ASN B 135 26.06 19.35 -1.08
C ASN B 135 27.16 19.34 -0.02
N SER B 136 26.90 19.97 1.12
CA SER B 136 27.84 19.98 2.24
C SER B 136 28.04 18.58 2.82
N LEU B 137 26.96 17.79 2.83
CA LEU B 137 27.05 16.43 3.36
C LEU B 137 27.86 15.54 2.43
N LEU B 138 27.69 15.74 1.13
CA LEU B 138 28.47 15.01 0.13
C LEU B 138 29.95 15.36 0.25
N ASP B 139 30.25 16.62 0.51
CA ASP B 139 31.64 17.07 0.68
C ASP B 139 32.31 16.35 1.86
N GLU B 140 31.57 16.18 2.95
CA GLU B 140 32.10 15.46 4.11
C GLU B 140 32.27 13.98 3.80
N LEU B 141 31.35 13.43 3.02
CA LEU B 141 31.44 12.03 2.61
C LEU B 141 32.69 11.74 1.79
N GLU B 142 33.17 12.75 1.07
CA GLU B 142 34.38 12.59 0.27
C GLU B 142 35.64 12.58 1.14
N LYS B 143 35.50 13.02 2.38
CA LYS B 143 36.61 12.99 3.33
C LYS B 143 36.63 11.66 4.07
N SER B 144 35.61 10.84 3.85
CA SER B 144 35.53 9.52 4.48
C SER B 144 35.89 8.42 3.49
N THR B 145 35.76 7.17 3.95
CA THR B 145 36.06 6.00 3.14
C THR B 145 34.90 5.59 2.24
N THR B 146 33.81 6.34 2.28
CA THR B 146 32.62 6.03 1.51
C THR B 146 32.86 6.13 0.01
N GLU B 147 32.38 5.14 -0.73
CA GLU B 147 32.38 5.20 -2.19
C GLU B 147 31.08 5.77 -2.68
N LEU B 148 31.17 6.85 -3.48
CA LEU B 148 29.99 7.49 -4.05
C LEU B 148 29.71 6.96 -5.46
N LYS B 149 28.51 6.43 -5.66
CA LYS B 149 28.13 5.88 -6.96
C LYS B 149 26.88 6.57 -7.51
N PHE B 150 27.06 7.74 -8.12
CA PHE B 150 25.96 8.40 -8.80
C PHE B 150 25.70 7.71 -10.14
N GLY B 151 24.48 7.88 -10.67
CA GLY B 151 24.12 7.26 -11.93
C GLY B 151 23.79 5.78 -11.81
N HIS B 152 23.59 5.32 -10.59
CA HIS B 152 23.23 3.91 -10.34
C HIS B 152 21.81 3.77 -9.83
N LYS B 153 20.95 3.17 -10.64
CA LYS B 153 19.57 2.92 -10.24
C LYS B 153 19.38 1.49 -9.72
N LEU B 154 19.04 1.36 -8.44
CA LEU B 154 18.74 0.06 -7.86
C LEU B 154 17.47 -0.52 -8.48
N VAL B 155 17.58 -1.70 -9.08
CA VAL B 155 16.42 -2.33 -9.72
C VAL B 155 15.99 -3.64 -9.08
N LYS B 156 16.91 -4.31 -8.40
CA LYS B 156 16.59 -5.61 -7.83
C LYS B 156 17.50 -5.95 -6.66
N ILE B 157 16.97 -6.70 -5.70
CA ILE B 157 17.76 -7.22 -4.59
C ILE B 157 17.48 -8.71 -4.41
N GLU B 158 18.53 -9.50 -4.33
CA GLU B 158 18.39 -10.91 -3.99
C GLU B 158 18.70 -11.12 -2.52
N TRP B 159 17.71 -11.58 -1.77
CA TRP B 159 17.88 -11.81 -0.34
C TRP B 159 18.49 -13.19 -0.06
N THR B 160 19.41 -13.24 0.90
CA THR B 160 20.15 -14.44 1.22
C THR B 160 20.44 -14.45 2.72
N ASP B 161 20.67 -15.63 3.28
CA ASP B 161 21.06 -15.75 4.68
C ASP B 161 22.49 -15.28 4.91
N ASP B 162 23.20 -14.98 3.82
CA ASP B 162 24.55 -14.45 3.92
C ASP B 162 24.62 -13.00 3.44
N LYS B 163 25.10 -12.80 2.22
CA LYS B 163 25.20 -11.45 1.67
C LYS B 163 24.05 -11.14 0.71
N GLN B 164 23.65 -9.88 0.66
CA GLN B 164 22.55 -9.46 -0.20
C GLN B 164 23.08 -8.95 -1.53
N ILE B 165 22.49 -9.41 -2.63
CA ILE B 165 22.95 -9.03 -3.95
C ILE B 165 22.09 -7.91 -4.55
N CYS B 166 22.69 -6.74 -4.72
CA CYS B 166 21.99 -5.59 -5.28
C CYS B 166 22.30 -5.44 -6.76
N HIS B 167 21.26 -5.30 -7.57
CA HIS B 167 21.42 -5.11 -9.02
C HIS B 167 21.13 -3.66 -9.39
N PHE B 168 22.05 -3.04 -10.11
CA PHE B 168 21.89 -1.64 -10.51
C PHE B 168 21.91 -1.46 -12.02
N ALA B 169 21.02 -0.62 -12.53
CA ALA B 169 21.08 -0.20 -13.92
C ALA B 169 21.87 1.10 -14.01
N ILE B 170 22.89 1.13 -14.84
CA ILE B 170 23.72 2.32 -15.00
C ILE B 170 23.34 3.10 -16.24
N THR B 176 22.83 -0.94 -18.82
CA THR B 176 24.04 -1.64 -18.41
C THR B 176 23.89 -2.23 -17.02
N PRO B 177 23.60 -3.55 -16.94
CA PRO B 177 23.43 -4.26 -15.66
C PRO B 177 24.71 -4.25 -14.81
N HIS B 178 24.54 -4.40 -13.50
CA HIS B 178 25.68 -4.42 -12.58
C HIS B 178 25.25 -4.93 -11.20
N THR B 179 26.01 -5.86 -10.64
CA THR B 179 25.67 -6.44 -9.35
C THR B 179 26.79 -6.27 -8.34
N GLU B 180 26.43 -6.27 -7.06
CA GLU B 180 27.40 -6.24 -5.98
C GLU B 180 26.81 -6.82 -4.70
N LYS B 181 27.64 -7.47 -3.89
CA LYS B 181 27.18 -8.12 -2.67
C LYS B 181 27.41 -7.23 -1.47
N TYR B 182 26.52 -7.31 -0.48
CA TYR B 182 26.63 -6.51 0.74
C TYR B 182 26.09 -7.26 1.95
N ASP B 183 26.69 -7.01 3.12
CA ASP B 183 26.22 -7.63 4.36
C ASP B 183 24.79 -7.20 4.69
N PHE B 184 24.48 -5.94 4.45
CA PHE B 184 23.12 -5.43 4.61
C PHE B 184 22.88 -4.19 3.76
N VAL B 185 21.61 -3.79 3.67
CA VAL B 185 21.21 -2.70 2.80
C VAL B 185 20.38 -1.69 3.58
N ILE B 186 20.59 -0.41 3.29
CA ILE B 186 19.78 0.63 3.89
C ILE B 186 19.03 1.38 2.79
N GLY B 187 17.70 1.33 2.85
CA GLY B 187 16.87 2.04 1.91
C GLY B 187 16.62 3.45 2.39
N CYS B 188 17.25 4.42 1.72
CA CYS B 188 17.00 5.83 1.95
C CYS B 188 16.59 6.45 0.63
N ASP B 189 15.77 5.73 -0.13
CA ASP B 189 15.47 6.14 -1.50
C ASP B 189 14.10 6.81 -1.71
N GLY B 190 13.62 7.49 -0.68
CA GLY B 190 12.46 8.36 -0.84
C GLY B 190 11.10 7.69 -0.74
N ALA B 191 10.05 8.49 -0.93
CA ALA B 191 8.68 8.04 -0.74
C ALA B 191 8.27 6.86 -1.63
N TYR B 192 8.89 6.73 -2.80
CA TYR B 192 8.59 5.65 -3.73
C TYR B 192 9.68 4.59 -3.74
N SER B 193 10.27 4.36 -2.58
CA SER B 193 11.42 3.48 -2.37
C SER B 193 11.41 2.15 -3.12
N ALA B 194 12.36 1.99 -4.04
CA ALA B 194 12.58 0.72 -4.72
C ALA B 194 13.01 -0.35 -3.71
N THR B 195 13.82 0.05 -2.72
CA THR B 195 14.26 -0.86 -1.69
C THR B 195 13.08 -1.44 -0.91
N ARG B 196 12.12 -0.59 -0.58
CA ARG B 196 10.92 -1.03 0.12
C ARG B 196 10.15 -2.09 -0.68
N SER B 197 10.04 -1.88 -1.99
CA SER B 197 9.34 -2.83 -2.84
C SER B 197 10.04 -4.18 -2.85
N GLN B 198 11.37 -4.14 -2.91
CA GLN B 198 12.17 -5.37 -2.88
C GLN B 198 11.99 -6.10 -1.57
N MET B 199 11.90 -5.35 -0.47
CA MET B 199 11.74 -5.91 0.85
C MET B 199 10.40 -6.63 1.02
N GLN B 200 9.39 -6.14 0.32
CA GLN B 200 8.03 -6.66 0.47
C GLN B 200 7.88 -8.08 -0.06
N ARG B 201 8.82 -8.49 -0.90
CA ARG B 201 8.83 -9.85 -1.42
C ARG B 201 9.44 -10.80 -0.39
N LYS B 202 10.12 -10.23 0.61
CA LYS B 202 10.78 -11.02 1.64
C LYS B 202 10.04 -10.97 2.97
N VAL B 203 9.40 -9.84 3.24
CA VAL B 203 8.62 -9.70 4.47
C VAL B 203 7.21 -9.21 4.20
N GLU B 204 6.27 -9.68 5.02
CA GLU B 204 4.89 -9.23 4.95
C GLU B 204 4.77 -7.83 5.57
N MET B 205 4.67 -6.83 4.71
CA MET B 205 4.73 -5.44 5.15
C MET B 205 3.36 -4.77 5.06
N ASP B 206 2.88 -4.28 6.19
CA ASP B 206 1.73 -3.38 6.20
C ASP B 206 2.19 -2.11 5.50
N PHE B 207 1.33 -1.52 4.69
CA PHE B 207 1.74 -0.41 3.84
C PHE B 207 0.54 0.41 3.41
N SER B 208 0.71 1.73 3.37
CA SER B 208 -0.32 2.61 2.87
C SER B 208 0.30 3.82 2.20
N GLN B 209 -0.26 4.21 1.07
CA GLN B 209 0.09 5.48 0.45
C GLN B 209 -1.18 6.27 0.22
N GLU B 210 -1.12 7.56 0.53
CA GLU B 210 -2.27 8.43 0.35
C GLU B 210 -1.84 9.72 -0.33
N TYR B 211 -2.49 10.04 -1.45
CA TYR B 211 -2.20 11.27 -2.16
C TYR B 211 -3.08 12.40 -1.65
N MET B 212 -2.48 13.33 -0.92
CA MET B 212 -3.19 14.46 -0.35
C MET B 212 -3.91 15.30 -1.42
N ASN B 213 -5.07 15.82 -1.05
CA ASN B 213 -5.79 16.75 -1.89
C ASN B 213 -5.17 18.13 -1.76
N LEU B 214 -3.92 18.25 -2.19
CA LEU B 214 -3.16 19.48 -1.98
C LEU B 214 -1.89 19.48 -2.82
N ARG B 215 -1.70 20.56 -3.58
CA ARG B 215 -0.50 20.76 -4.36
C ARG B 215 0.25 21.96 -3.80
N TYR B 216 1.49 22.16 -4.22
CA TYR B 216 2.22 23.34 -3.81
C TYR B 216 2.97 24.03 -4.95
N ILE B 217 3.07 25.35 -4.84
CA ILE B 217 3.74 26.17 -5.85
C ILE B 217 4.80 27.02 -5.16
N GLU B 218 6.02 27.01 -5.70
CA GLU B 218 7.08 27.83 -5.12
C GLU B 218 7.08 29.24 -5.69
N LEU B 219 7.08 30.22 -4.79
CA LEU B 219 7.12 31.62 -5.16
C LEU B 219 8.34 32.30 -4.53
N TYR B 220 8.58 33.55 -4.91
CA TYR B 220 9.81 34.22 -4.54
C TYR B 220 9.56 35.65 -4.06
N ILE B 221 10.09 35.96 -2.88
CA ILE B 221 10.09 37.32 -2.36
C ILE B 221 11.51 37.88 -2.46
N PRO B 222 11.72 38.87 -3.33
CA PRO B 222 13.07 39.40 -3.56
C PRO B 222 13.62 40.15 -2.36
N PRO B 223 14.96 40.21 -2.23
CA PRO B 223 15.55 41.00 -1.15
C PRO B 223 15.33 42.48 -1.42
N THR B 224 15.34 43.30 -0.38
CA THR B 224 15.19 44.74 -0.54
C THR B 224 16.43 45.33 -1.19
N GLU B 225 16.34 46.60 -1.59
CA GLU B 225 17.43 47.28 -2.26
C GLU B 225 18.49 47.74 -1.26
N GLU B 226 18.07 47.98 -0.02
CA GLU B 226 18.97 48.49 1.00
C GLU B 226 19.01 47.60 2.25
N PHE B 227 20.09 47.71 3.01
CA PHE B 227 20.28 46.92 4.22
C PHE B 227 19.33 47.39 5.32
N LYS B 228 18.65 46.45 5.97
CA LYS B 228 17.71 46.78 7.03
C LYS B 228 18.28 46.42 8.40
N PRO B 229 18.76 47.43 9.14
CA PRO B 229 19.42 47.22 10.44
C PRO B 229 18.55 46.46 11.42
N ASN B 230 17.25 46.74 11.41
CA ASN B 230 16.31 46.03 12.27
C ASN B 230 16.26 44.52 12.01
N TYR B 231 16.48 44.13 10.75
CA TYR B 231 16.41 42.73 10.35
C TYR B 231 17.78 42.07 10.20
N GLY B 232 18.82 42.89 10.07
CA GLY B 232 20.17 42.37 9.92
C GLY B 232 20.49 41.92 8.50
N GLY B 233 19.82 42.50 7.52
CA GLY B 233 20.04 42.16 6.12
C GLY B 233 18.99 42.79 5.23
N ASN B 234 19.04 42.46 3.95
CA ASN B 234 18.10 43.02 2.97
C ASN B 234 16.77 42.27 2.94
N PHE B 235 16.09 42.23 4.08
CA PHE B 235 14.86 41.47 4.24
C PHE B 235 13.63 42.36 4.15
N ALA B 236 12.69 42.00 3.28
CA ALA B 236 11.43 42.74 3.13
C ALA B 236 10.55 42.58 4.36
N ILE B 237 10.67 41.43 5.02
CA ILE B 237 9.93 41.15 6.24
C ILE B 237 10.84 40.47 7.26
N ALA B 238 10.33 40.27 8.47
CA ALA B 238 11.11 39.70 9.56
C ALA B 238 11.64 38.30 9.24
N PRO B 239 12.97 38.16 9.20
CA PRO B 239 13.60 36.86 8.86
C PRO B 239 13.59 35.86 10.01
N ASP B 240 13.33 36.33 11.24
CA ASP B 240 13.38 35.45 12.41
C ASP B 240 12.01 34.89 12.78
N HIS B 241 11.10 34.89 11.81
CA HIS B 241 9.77 34.33 11.98
C HIS B 241 9.47 33.46 10.78
N LEU B 242 8.69 32.41 10.99
CA LEU B 242 8.11 31.67 9.88
C LEU B 242 6.81 32.37 9.52
N HIS B 243 6.75 32.96 8.34
CA HIS B 243 5.58 33.73 7.92
C HIS B 243 4.49 32.82 7.34
N ILE B 244 3.26 33.05 7.79
CA ILE B 244 2.12 32.24 7.36
C ILE B 244 0.92 33.12 7.04
N TRP B 245 0.29 32.87 5.90
CA TRP B 245 -0.99 33.48 5.55
C TRP B 245 -2.05 32.39 5.54
N PRO B 246 -2.59 32.05 6.72
CA PRO B 246 -3.51 30.90 6.80
C PRO B 246 -4.92 31.26 6.32
N ARG B 247 -5.43 30.52 5.33
CA ARG B 247 -6.75 30.78 4.78
C ARG B 247 -7.61 29.53 4.70
N HIS B 248 -7.57 28.70 5.74
CA HIS B 248 -8.50 27.58 5.90
C HIS B 248 -8.26 26.38 4.96
N LYS B 249 -8.60 26.50 3.68
CA LYS B 249 -8.36 25.41 2.74
C LYS B 249 -7.09 25.62 1.91
N PHE B 250 -6.34 26.68 2.23
CA PHE B 250 -5.10 26.98 1.55
C PHE B 250 -4.27 27.97 2.34
N MET B 251 -3.00 28.12 2.00
CA MET B 251 -2.15 29.08 2.68
C MET B 251 -0.89 29.43 1.89
N LEU B 252 -0.32 30.57 2.22
CA LEU B 252 0.98 30.95 1.73
C LEU B 252 1.92 30.91 2.93
N ILE B 253 3.17 30.51 2.73
CA ILE B 253 4.17 30.61 3.78
C ILE B 253 5.44 31.22 3.22
N ALA B 254 6.33 31.64 4.10
CA ALA B 254 7.62 32.18 3.68
C ALA B 254 8.73 31.89 4.68
N LEU B 255 9.87 31.43 4.16
CA LEU B 255 11.06 31.17 4.96
C LEU B 255 12.23 31.96 4.39
N ALA B 256 13.04 32.56 5.27
CA ALA B 256 14.12 33.44 4.84
C ALA B 256 15.28 32.71 4.17
N ASN B 257 15.91 33.39 3.21
CA ASN B 257 17.16 32.94 2.62
C ASN B 257 18.26 33.86 3.09
N SER B 258 19.50 33.39 3.02
CA SER B 258 20.66 34.15 3.49
C SER B 258 20.84 35.50 2.80
N ASP B 259 20.48 35.58 1.53
CA ASP B 259 20.74 36.79 0.76
C ASP B 259 19.70 37.89 0.95
N GLY B 260 18.73 37.64 1.82
CA GLY B 260 17.70 38.62 2.11
C GLY B 260 16.36 38.31 1.46
N SER B 261 16.39 37.45 0.46
CA SER B 261 15.16 37.01 -0.19
C SER B 261 14.45 36.00 0.69
N PHE B 262 13.19 35.73 0.37
CA PHE B 262 12.45 34.66 1.04
C PHE B 262 12.02 33.60 0.04
N THR B 263 12.03 32.34 0.48
CA THR B 263 11.40 31.28 -0.28
C THR B 263 9.95 31.20 0.18
N SER B 264 9.03 31.35 -0.76
CA SER B 264 7.62 31.38 -0.44
C SER B 264 6.93 30.19 -1.11
N THR B 265 5.93 29.64 -0.45
CA THR B 265 5.23 28.47 -0.96
C THR B 265 3.72 28.62 -0.79
N PHE B 266 2.98 28.36 -1.86
CA PHE B 266 1.53 28.33 -1.78
C PHE B 266 1.06 26.88 -1.78
N PHE B 267 0.24 26.52 -0.79
CA PHE B 267 -0.38 25.20 -0.71
C PHE B 267 -1.88 25.31 -0.93
N GLY B 268 -2.39 24.64 -1.97
CA GLY B 268 -3.82 24.60 -2.22
C GLY B 268 -4.27 23.33 -2.93
N SER B 269 -5.57 23.08 -2.95
CA SER B 269 -6.10 21.87 -3.58
C SER B 269 -5.91 21.91 -5.10
N LYS B 270 -5.76 20.74 -5.71
CA LYS B 270 -5.54 20.66 -7.16
C LYS B 270 -6.71 21.27 -7.94
N ASP B 271 -7.92 21.10 -7.43
CA ASP B 271 -9.11 21.66 -8.04
C ASP B 271 -9.09 23.18 -8.03
N GLN B 272 -8.79 23.76 -6.86
CA GLN B 272 -8.72 25.21 -6.75
C GLN B 272 -7.67 25.81 -7.68
N ILE B 273 -6.51 25.17 -7.75
CA ILE B 273 -5.43 25.65 -8.60
C ILE B 273 -5.81 25.55 -10.08
N SER B 274 -6.43 24.44 -10.46
CA SER B 274 -6.91 24.26 -11.83
C SER B 274 -7.94 25.33 -12.19
N ASP B 275 -8.79 25.68 -11.23
CA ASP B 275 -9.83 26.66 -11.45
C ASP B 275 -9.28 28.08 -11.64
N LEU B 276 -8.14 28.35 -11.00
CA LEU B 276 -7.55 29.69 -11.02
C LEU B 276 -6.73 29.98 -12.28
N ILE B 277 -5.97 28.99 -12.73
CA ILE B 277 -4.99 29.21 -13.79
C ILE B 277 -5.56 29.20 -15.21
N THR B 278 -6.87 29.33 -15.34
CA THR B 278 -7.49 29.44 -16.66
C THR B 278 -7.28 30.84 -17.25
N SER B 279 -6.86 31.77 -16.41
CA SER B 279 -6.59 33.15 -16.84
C SER B 279 -5.73 33.90 -15.83
N LYS B 280 -4.79 34.71 -16.35
CA LYS B 280 -3.85 35.46 -15.51
C LYS B 280 -4.54 36.38 -14.50
N SER B 281 -5.63 37.01 -14.92
CA SER B 281 -6.33 37.96 -14.07
C SER B 281 -7.04 37.25 -12.91
N ARG B 282 -7.50 36.04 -13.15
CA ARG B 282 -8.18 35.27 -12.11
C ARG B 282 -7.19 34.92 -11.00
N VAL B 283 -5.96 34.63 -11.38
CA VAL B 283 -4.89 34.36 -10.43
C VAL B 283 -4.51 35.62 -9.65
N ARG B 284 -4.33 36.72 -10.40
CA ARG B 284 -3.97 38.00 -9.80
C ARG B 284 -4.97 38.46 -8.75
N GLU B 285 -6.26 38.43 -9.11
CA GLU B 285 -7.30 38.86 -8.19
C GLU B 285 -7.36 37.98 -6.95
N PHE B 286 -7.08 36.70 -7.12
CA PHE B 286 -7.04 35.75 -6.01
C PHE B 286 -5.94 36.15 -5.03
N LEU B 287 -4.73 36.36 -5.55
CA LEU B 287 -3.58 36.71 -4.72
C LEU B 287 -3.80 38.02 -3.96
N ILE B 288 -4.27 39.04 -4.68
CA ILE B 288 -4.53 40.34 -4.07
C ILE B 288 -5.61 40.27 -2.99
N GLU B 289 -6.66 39.51 -3.25
CA GLU B 289 -7.75 39.38 -2.29
C GLU B 289 -7.35 38.62 -1.03
N ASN B 290 -6.62 37.51 -1.20
CA ASN B 290 -6.26 36.67 -0.07
C ASN B 290 -4.97 37.09 0.64
N PHE B 291 -4.04 37.64 -0.13
CA PHE B 291 -2.77 38.08 0.44
C PHE B 291 -2.47 39.52 0.01
N PRO B 292 -3.23 40.49 0.55
CA PRO B 292 -3.10 41.87 0.11
C PRO B 292 -1.75 42.50 0.43
N ASP B 293 -1.09 42.06 1.49
CA ASP B 293 0.17 42.68 1.91
C ASP B 293 1.39 42.17 1.14
N ILE B 294 1.18 41.44 0.04
CA ILE B 294 2.32 40.97 -0.74
C ILE B 294 2.63 41.81 -1.98
N ILE B 295 1.73 42.71 -2.36
CA ILE B 295 2.02 43.64 -3.46
C ILE B 295 3.18 44.56 -3.08
N ASN B 296 3.42 44.69 -1.78
CA ASN B 296 4.56 45.45 -1.29
C ASN B 296 5.88 44.73 -1.54
N ILE B 297 5.87 43.41 -1.46
CA ILE B 297 7.12 42.65 -1.38
C ILE B 297 7.33 41.64 -2.52
N MET B 298 6.31 41.40 -3.32
CA MET B 298 6.43 40.40 -4.39
C MET B 298 6.13 41.00 -5.76
N ASP B 299 6.79 40.46 -6.78
CA ASP B 299 6.51 40.85 -8.16
C ASP B 299 5.29 40.07 -8.64
N LEU B 300 4.13 40.72 -8.59
CA LEU B 300 2.85 40.08 -8.86
C LEU B 300 2.78 39.38 -10.21
N ASP B 301 3.32 40.02 -11.24
CA ASP B 301 3.34 39.45 -12.59
C ASP B 301 4.19 38.18 -12.61
N ASP B 302 5.29 38.20 -11.86
CA ASP B 302 6.16 37.04 -11.77
C ASP B 302 5.46 35.90 -11.05
N ALA B 303 4.72 36.25 -10.00
CA ALA B 303 4.00 35.28 -9.19
C ALA B 303 2.91 34.57 -10.00
N VAL B 304 2.21 35.33 -10.83
CA VAL B 304 1.16 34.78 -11.68
C VAL B 304 1.74 33.81 -12.70
N LYS B 305 2.86 34.20 -13.32
CA LYS B 305 3.55 33.32 -14.27
C LYS B 305 3.93 32.01 -13.61
N ARG B 306 4.41 32.10 -12.37
CA ARG B 306 4.75 30.92 -11.60
C ARG B 306 3.51 30.07 -11.34
N PHE B 307 2.45 30.70 -10.83
CA PHE B 307 1.19 30.01 -10.55
C PHE B 307 0.66 29.21 -11.75
N ILE B 308 1.03 29.62 -12.95
CA ILE B 308 0.50 28.99 -14.16
C ILE B 308 1.48 27.98 -14.78
N THR B 309 2.76 28.30 -14.76
CA THR B 309 3.76 27.48 -15.45
C THR B 309 4.57 26.56 -14.53
N TYR B 310 4.68 26.93 -13.25
CA TYR B 310 5.39 26.09 -12.28
C TYR B 310 4.67 24.76 -12.12
N PRO B 311 5.44 23.66 -12.03
CA PRO B 311 4.84 22.34 -11.85
C PRO B 311 4.19 22.20 -10.47
N LYS B 312 2.90 21.94 -10.45
CA LYS B 312 2.18 21.72 -9.20
C LYS B 312 2.58 20.34 -8.66
N GLU B 313 3.38 20.34 -7.60
CA GLU B 313 3.93 19.11 -7.05
C GLU B 313 2.92 18.45 -6.11
N SER B 314 2.89 17.12 -6.11
CA SER B 314 1.96 16.39 -5.27
C SER B 314 2.54 16.10 -3.88
N LEU B 315 1.65 15.80 -2.93
CA LEU B 315 2.06 15.44 -1.58
C LEU B 315 1.54 14.06 -1.23
N VAL B 316 2.44 13.14 -0.93
CA VAL B 316 2.05 11.77 -0.61
C VAL B 316 2.47 11.38 0.80
N CYS B 317 1.57 10.71 1.51
CA CYS B 317 1.89 10.18 2.83
C CYS B 317 2.03 8.67 2.75
N VAL B 318 3.22 8.16 3.06
CA VAL B 318 3.41 6.73 3.09
C VAL B 318 3.76 6.25 4.49
N ASN B 319 3.19 5.12 4.86
CA ASN B 319 3.53 4.46 6.11
C ASN B 319 3.73 2.99 5.87
N CYS B 320 4.54 2.35 6.72
CA CYS B 320 4.73 0.92 6.63
C CYS B 320 5.25 0.30 7.93
N LYS B 321 5.22 -1.02 7.98
CA LYS B 321 5.65 -1.78 9.14
C LYS B 321 5.68 -3.24 8.73
N PRO B 322 6.80 -3.93 9.03
CA PRO B 322 7.98 -3.44 9.72
C PRO B 322 8.91 -2.62 8.82
N TYR B 323 9.97 -2.07 9.39
CA TYR B 323 10.95 -1.29 8.65
C TYR B 323 12.17 -2.13 8.27
N ASP B 324 12.20 -3.37 8.75
CA ASP B 324 13.40 -4.19 8.59
C ASP B 324 13.10 -5.57 8.03
N VAL B 325 14.06 -6.11 7.29
CA VAL B 325 14.04 -7.51 6.90
C VAL B 325 14.70 -8.30 8.03
N PRO B 326 14.01 -9.32 8.55
CA PRO B 326 14.51 -10.15 9.66
C PRO B 326 15.93 -10.68 9.43
N GLY B 327 16.72 -10.73 10.49
CA GLY B 327 18.10 -11.15 10.39
C GLY B 327 19.01 -9.97 10.07
N GLY B 328 18.44 -8.77 10.15
CA GLY B 328 19.19 -7.54 9.97
C GLY B 328 19.78 -7.37 8.57
N LYS B 329 19.05 -7.82 7.56
CA LYS B 329 19.52 -7.74 6.17
C LYS B 329 19.24 -6.38 5.53
N ALA B 330 18.21 -5.69 6.02
CA ALA B 330 17.82 -4.41 5.45
C ALA B 330 16.98 -3.57 6.41
N ILE B 331 16.97 -2.26 6.19
CA ILE B 331 16.18 -1.35 7.01
C ILE B 331 15.89 -0.04 6.27
N LEU B 332 14.70 0.51 6.51
CA LEU B 332 14.27 1.74 5.84
C LEU B 332 14.39 2.98 6.73
N LEU B 333 14.95 4.06 6.17
CA LEU B 333 15.08 5.32 6.87
C LEU B 333 14.55 6.45 5.98
N GLY B 334 14.07 7.52 6.60
CA GLY B 334 13.61 8.69 5.87
C GLY B 334 12.26 8.50 5.22
N ASP B 335 12.05 9.18 4.10
CA ASP B 335 10.79 9.11 3.36
C ASP B 335 10.43 7.67 2.96
N ALA B 336 11.45 6.84 2.77
CA ALA B 336 11.25 5.44 2.43
C ALA B 336 10.44 4.71 3.50
N ALA B 337 10.68 5.05 4.75
CA ALA B 337 9.97 4.43 5.87
C ALA B 337 8.68 5.17 6.17
N HIS B 338 8.73 6.50 6.06
CA HIS B 338 7.60 7.34 6.45
C HIS B 338 7.69 8.69 5.76
N ALA B 339 6.80 8.92 4.79
CA ALA B 339 6.73 10.21 4.12
C ALA B 339 5.50 10.96 4.64
N MET B 340 5.68 12.22 5.01
CA MET B 340 4.63 12.98 5.69
C MET B 340 4.38 14.32 5.03
N VAL B 341 3.25 14.94 5.39
CA VAL B 341 2.98 16.32 5.00
C VAL B 341 3.97 17.25 5.71
N PRO B 342 4.32 18.38 5.07
CA PRO B 342 5.38 19.25 5.59
C PRO B 342 4.96 20.19 6.72
N PHE B 343 3.66 20.22 7.04
CA PHE B 343 3.10 21.26 7.92
C PHE B 343 3.61 21.30 9.36
N TYR B 344 4.44 20.33 9.74
CA TYR B 344 4.99 20.32 11.10
C TYR B 344 6.53 20.23 11.08
N GLY B 345 7.10 20.47 9.91
CA GLY B 345 8.55 20.43 9.74
C GLY B 345 9.15 19.11 10.14
N GLN B 346 8.47 18.03 9.79
CA GLN B 346 8.86 16.69 10.24
C GLN B 346 9.90 16.02 9.34
N GLY B 347 9.55 15.86 8.06
CA GLY B 347 10.30 15.06 7.10
C GLY B 347 11.79 14.82 7.32
N MET B 348 12.61 15.81 6.97
CA MET B 348 14.06 15.68 7.10
C MET B 348 14.50 15.50 8.55
N ASN B 349 13.83 16.19 9.47
CA ASN B 349 14.21 16.09 10.89
C ASN B 349 13.95 14.69 11.45
N CYS B 350 12.87 14.06 10.99
CA CYS B 350 12.56 12.70 11.43
C CYS B 350 13.55 11.71 10.83
N GLY B 351 13.93 11.94 9.58
CA GLY B 351 14.93 11.12 8.92
C GLY B 351 16.27 11.19 9.61
N PHE B 352 16.71 12.40 9.95
CA PHE B 352 17.95 12.57 10.69
C PHE B 352 17.84 11.86 12.04
N GLU B 353 16.67 11.97 12.67
CA GLU B 353 16.40 11.30 13.94
C GLU B 353 16.39 9.76 13.78
N ASP B 354 15.94 9.29 12.62
CA ASP B 354 16.00 7.85 12.30
C ASP B 354 17.42 7.33 12.43
N VAL B 355 18.36 8.08 11.85
CA VAL B 355 19.76 7.68 11.85
C VAL B 355 20.33 7.65 13.25
N ARG B 356 20.11 8.71 14.03
CA ARG B 356 20.63 8.78 15.40
C ARG B 356 20.12 7.61 16.23
N ILE B 357 18.82 7.36 16.16
CA ILE B 357 18.20 6.26 16.89
C ILE B 357 18.79 4.92 16.50
N LEU B 358 18.96 4.71 15.20
CA LEU B 358 19.51 3.46 14.69
C LEU B 358 20.95 3.23 15.18
N MET B 359 21.79 4.26 15.10
CA MET B 359 23.17 4.13 15.54
C MET B 359 23.24 3.82 17.03
N ALA B 360 22.32 4.41 17.78
CA ALA B 360 22.28 4.21 19.23
C ALA B 360 21.92 2.76 19.56
N LEU B 361 21.05 2.16 18.75
CA LEU B 361 20.65 0.77 18.94
C LEU B 361 21.76 -0.18 18.52
N LEU B 362 22.50 0.21 17.49
CA LEU B 362 23.63 -0.59 17.04
C LEU B 362 24.72 -0.64 18.09
N LYS B 363 25.01 0.51 18.70
CA LYS B 363 26.00 0.56 19.77
C LYS B 363 25.51 -0.24 20.98
N LYS B 364 24.20 -0.17 21.22
CA LYS B 364 23.59 -0.87 22.34
C LYS B 364 23.71 -2.39 22.21
N HIS B 365 23.65 -2.88 20.97
CA HIS B 365 23.65 -4.31 20.71
C HIS B 365 24.99 -4.80 20.13
N SER B 366 26.00 -3.94 20.18
CA SER B 366 27.35 -4.28 19.75
C SER B 366 27.43 -4.74 18.29
N GLY B 367 26.69 -4.06 17.42
CA GLY B 367 26.74 -4.36 16.00
C GLY B 367 25.82 -5.47 15.54
N ASP B 368 25.10 -6.07 16.49
CA ASP B 368 24.13 -7.11 16.16
C ASP B 368 22.95 -6.49 15.42
N ARG B 369 22.99 -6.57 14.08
CA ARG B 369 21.97 -5.93 13.26
C ARG B 369 20.61 -6.60 13.44
N SER B 370 20.61 -7.90 13.68
CA SER B 370 19.38 -8.65 13.88
C SER B 370 18.58 -8.08 15.04
N ARG B 371 19.24 -7.90 16.18
CA ARG B 371 18.58 -7.35 17.36
C ARG B 371 18.34 -5.85 17.21
N ALA B 372 19.32 -5.13 16.68
CA ALA B 372 19.21 -3.69 16.52
C ALA B 372 18.04 -3.27 15.63
N PHE B 373 17.98 -3.84 14.42
CA PHE B 373 16.95 -3.51 13.45
C PHE B 373 15.56 -3.87 13.96
N THR B 374 15.45 -5.04 14.60
CA THR B 374 14.19 -5.51 15.14
C THR B 374 13.67 -4.56 16.22
N GLU B 375 14.54 -4.16 17.14
CA GLU B 375 14.16 -3.21 18.16
C GLU B 375 13.85 -1.84 17.55
N TYR B 376 14.49 -1.52 16.43
CA TYR B 376 14.20 -0.27 15.73
C TYR B 376 12.75 -0.24 15.29
N THR B 377 12.30 -1.31 14.64
CA THR B 377 10.92 -1.39 14.17
C THR B 377 9.93 -1.31 15.33
N GLN B 378 10.26 -1.93 16.45
CA GLN B 378 9.36 -2.00 17.60
C GLN B 378 9.27 -0.69 18.39
N THR B 379 10.29 0.14 18.31
CA THR B 379 10.36 1.31 19.20
C THR B 379 10.40 2.66 18.49
N ARG B 380 10.51 2.65 17.17
CA ARG B 380 10.53 3.90 16.40
C ARG B 380 9.11 4.44 16.21
#